data_5FJM
#
_entry.id   5FJM
#
_cell.length_a   72.760
_cell.length_b   93.710
_cell.length_c   74.690
_cell.angle_alpha   90.00
_cell.angle_beta   102.85
_cell.angle_gamma   90.00
#
_symmetry.space_group_name_H-M   'P 1 21 1'
#
loop_
_entity.id
_entity.type
_entity.pdbx_description
1 polymer 'L-AMINO ACID DEAMINASE'
2 non-polymer 'FLAVIN-ADENINE DINUCLEOTIDE'
3 water water
#
_entity_poly.entity_id   1
_entity_poly.type   'polypeptide(L)'
_entity_poly.pdbx_seq_one_letter_code
;MHHHHHHASMVRRDGKFVESKSRALFVESTEGALPSESDVVIIGGGIQGIMTAINLAERGMSVTILEKGEVAGEQSGRAY
SQIISYQTSPEIFPLHHYGKILWRGMNEKIGADTSYRTQGRVEALADEKALDRAQEWIKTAKETAGFDVPLNTRIIKGEE
LSNRLVGAQTPWTVAAFEEDSGSVDPETGTPTLARYAKQIGVKIYTHCAVRGIETAGGKISDVVTEKGAIRTSNVVLAGG
IWSRLFMGNMGVDLPTLNVYLSQQRVSGVPGAPRGNVHLPNGIHFREQADGTYAVAPRIFTSSIVKDSFLLGPKFMHLLG
GGELPLEFSIGEDLFNSFKMPTSWKLDEKSPFEQYRIATATQNTEHLDAVFQRMKTEFPVFEKSQIVERWGAVVSPTFDE
LPIISEVKEYPGLVINTATVWGMTEGPAAGEVTADIVTGKKPVIDPTPFSLDRFKK
;
_entity_poly.pdbx_strand_id   A,B
#
# COMPACT_ATOMS: atom_id res chain seq x y z
N MET A 10 -32.06 -32.54 5.84
CA MET A 10 -32.14 -33.49 4.69
C MET A 10 -30.98 -33.22 3.72
N VAL A 11 -30.82 -34.08 2.71
CA VAL A 11 -29.68 -33.99 1.78
C VAL A 11 -30.07 -33.23 0.52
N ARG A 12 -29.27 -32.21 0.17
CA ARG A 12 -29.53 -31.37 -1.00
C ARG A 12 -29.39 -32.13 -2.31
N ARG A 13 -30.08 -31.65 -3.35
CA ARG A 13 -30.06 -32.28 -4.67
C ARG A 13 -29.79 -31.28 -5.81
N ASP A 14 -29.29 -30.09 -5.47
CA ASP A 14 -29.17 -28.99 -6.45
C ASP A 14 -27.75 -28.77 -7.01
N GLY A 15 -26.72 -29.26 -6.33
CA GLY A 15 -25.34 -29.10 -6.79
C GLY A 15 -25.12 -29.85 -8.09
N LYS A 16 -24.67 -29.14 -9.14
CA LYS A 16 -24.44 -29.79 -10.43
C LYS A 16 -23.26 -29.20 -11.22
N PHE A 17 -22.53 -30.11 -11.86
CA PHE A 17 -21.41 -29.80 -12.73
C PHE A 17 -21.99 -29.52 -14.12
N VAL A 18 -21.76 -28.33 -14.65
CA VAL A 18 -22.34 -27.94 -15.96
C VAL A 18 -21.32 -27.24 -16.87
N GLU A 19 -21.57 -27.30 -18.17
CA GLU A 19 -20.83 -26.50 -19.16
C GLU A 19 -21.33 -25.06 -19.09
N SER A 20 -20.42 -24.10 -19.23
CA SER A 20 -20.79 -22.70 -19.08
C SER A 20 -19.98 -21.83 -20.03
N LYS A 21 -19.91 -20.53 -19.72
CA LYS A 21 -19.13 -19.57 -20.48
C LYS A 21 -18.15 -18.87 -19.54
N SER A 22 -17.12 -18.25 -20.10
CA SER A 22 -16.15 -17.49 -19.32
C SER A 22 -16.80 -16.22 -18.78
N ARG A 23 -16.47 -15.86 -17.54
CA ARG A 23 -16.82 -14.55 -17.00
C ARG A 23 -15.63 -13.59 -17.05
N ALA A 24 -14.51 -14.04 -17.60
CA ALA A 24 -13.30 -13.22 -17.65
C ALA A 24 -13.18 -12.54 -18.99
N LEU A 25 -12.32 -11.51 -19.07
CA LEU A 25 -12.04 -10.83 -20.32
C LEU A 25 -11.61 -11.84 -21.40
N PHE A 26 -12.11 -11.64 -22.61
CA PHE A 26 -11.84 -12.51 -23.75
C PHE A 26 -10.39 -12.36 -24.22
N VAL A 27 -9.73 -13.48 -24.44
CA VAL A 27 -8.38 -13.48 -25.00
C VAL A 27 -8.42 -14.19 -26.35
N GLU A 28 -8.07 -13.45 -27.39
CA GLU A 28 -7.94 -13.98 -28.74
C GLU A 28 -6.89 -15.09 -28.83
N SER A 29 -7.22 -16.12 -29.59
CA SER A 29 -6.27 -17.17 -29.91
C SER A 29 -5.16 -16.59 -30.81
N THR A 30 -3.94 -17.11 -30.65
CA THR A 30 -2.87 -16.85 -31.61
C THR A 30 -3.38 -17.25 -32.99
N GLU A 31 -3.11 -16.42 -34.00
CA GLU A 31 -3.56 -16.70 -35.38
C GLU A 31 -2.83 -17.89 -36.01
N GLY A 32 -3.51 -18.58 -36.92
CA GLY A 32 -2.89 -19.55 -37.80
C GLY A 32 -2.88 -20.98 -37.28
N ALA A 33 -2.05 -21.81 -37.91
CA ALA A 33 -1.99 -23.23 -37.59
C ALA A 33 -1.24 -23.47 -36.29
N LEU A 34 -1.44 -24.63 -35.70
CA LEU A 34 -0.61 -25.08 -34.59
C LEU A 34 0.84 -25.19 -35.10
N PRO A 35 1.82 -24.91 -34.22
CA PRO A 35 3.19 -25.19 -34.61
C PRO A 35 3.46 -26.69 -34.65
N SER A 36 4.45 -27.10 -35.45
CA SER A 36 4.81 -28.50 -35.57
C SER A 36 5.63 -28.95 -34.38
N GLU A 37 6.38 -28.01 -33.79
CA GLU A 37 7.17 -28.27 -32.58
C GLU A 37 7.20 -27.06 -31.65
N SER A 38 7.52 -27.31 -30.38
CA SER A 38 7.70 -26.25 -29.40
C SER A 38 8.65 -26.77 -28.31
N ASP A 39 9.52 -25.91 -27.79
CA ASP A 39 10.45 -26.31 -26.73
C ASP A 39 9.69 -26.82 -25.50
N VAL A 40 8.57 -26.17 -25.18
CA VAL A 40 7.69 -26.61 -24.09
C VAL A 40 6.24 -26.45 -24.53
N VAL A 41 5.40 -27.41 -24.15
CA VAL A 41 3.96 -27.31 -24.35
C VAL A 41 3.28 -27.28 -22.99
N ILE A 42 2.36 -26.34 -22.82
CA ILE A 42 1.64 -26.16 -21.56
C ILE A 42 0.16 -26.46 -21.78
N ILE A 43 -0.37 -27.35 -20.93
CA ILE A 43 -1.78 -27.75 -20.99
C ILE A 43 -2.54 -26.92 -19.97
N GLY A 44 -3.35 -25.98 -20.45
CA GLY A 44 -4.20 -25.13 -19.59
C GLY A 44 -3.84 -23.66 -19.59
N GLY A 45 -4.85 -22.80 -19.75
CA GLY A 45 -4.67 -21.36 -19.76
C GLY A 45 -5.28 -20.65 -18.57
N GLY A 46 -5.11 -21.22 -17.38
CA GLY A 46 -5.39 -20.54 -16.11
C GLY A 46 -4.12 -19.82 -15.63
N ILE A 47 -4.16 -19.31 -14.40
CA ILE A 47 -3.02 -18.55 -13.86
C ILE A 47 -1.72 -19.39 -13.79
N GLN A 48 -1.83 -20.69 -13.51
CA GLN A 48 -0.65 -21.54 -13.40
C GLN A 48 0.02 -21.80 -14.76
N GLY A 49 -0.77 -22.16 -15.76
CA GLY A 49 -0.25 -22.32 -17.11
C GLY A 49 0.41 -21.05 -17.64
N ILE A 50 -0.28 -19.94 -17.45
CA ILE A 50 0.21 -18.65 -17.95
C ILE A 50 1.47 -18.15 -17.24
N MET A 51 1.47 -18.16 -15.90
CA MET A 51 2.66 -17.75 -15.16
C MET A 51 3.84 -18.67 -15.44
N THR A 52 3.59 -19.96 -15.61
CA THR A 52 4.65 -20.89 -15.97
C THR A 52 5.20 -20.56 -17.37
N ALA A 53 4.29 -20.26 -18.31
CA ALA A 53 4.68 -19.92 -19.67
C ALA A 53 5.57 -18.68 -19.73
N ILE A 54 5.17 -17.65 -19.00
CA ILE A 54 5.93 -16.40 -18.93
C ILE A 54 7.37 -16.62 -18.45
N ASN A 55 7.53 -17.37 -17.36
CA ASN A 55 8.87 -17.63 -16.81
C ASN A 55 9.75 -18.40 -17.80
N LEU A 56 9.16 -19.36 -18.51
CA LEU A 56 9.90 -20.12 -19.52
C LEU A 56 10.23 -19.29 -20.77
N ALA A 57 9.29 -18.46 -21.20
CA ALA A 57 9.48 -17.64 -22.40
C ALA A 57 10.59 -16.62 -22.15
N GLU A 58 10.61 -16.04 -20.97
CA GLU A 58 11.61 -15.02 -20.61
C GLU A 58 13.01 -15.62 -20.50
N ARG A 59 13.08 -16.94 -20.38
CA ARG A 59 14.35 -17.67 -20.42
C ARG A 59 14.75 -18.11 -21.84
N GLY A 60 13.99 -17.71 -22.85
CA GLY A 60 14.37 -17.93 -24.25
C GLY A 60 13.79 -19.18 -24.92
N MET A 61 12.92 -19.89 -24.22
CA MET A 61 12.27 -21.06 -24.80
C MET A 61 11.03 -20.70 -25.60
N SER A 62 10.79 -21.43 -26.69
CA SER A 62 9.51 -21.35 -27.39
C SER A 62 8.47 -22.08 -26.54
N VAL A 63 7.29 -21.47 -26.42
CA VAL A 63 6.24 -21.99 -25.55
C VAL A 63 4.88 -21.88 -26.22
N THR A 64 4.12 -22.97 -26.16
CA THR A 64 2.74 -22.99 -26.64
C THR A 64 1.80 -23.43 -25.54
N ILE A 65 0.74 -22.65 -25.31
CA ILE A 65 -0.31 -22.99 -24.36
C ILE A 65 -1.52 -23.48 -25.14
N LEU A 66 -2.10 -24.61 -24.71
CA LEU A 66 -3.35 -25.11 -25.28
C LEU A 66 -4.42 -25.06 -24.21
N GLU A 67 -5.57 -24.51 -24.58
CA GLU A 67 -6.68 -24.26 -23.68
C GLU A 67 -7.95 -24.76 -24.36
N LYS A 68 -8.61 -25.72 -23.73
CA LYS A 68 -9.76 -26.40 -24.33
C LYS A 68 -10.98 -25.47 -24.52
N GLY A 69 -11.07 -24.44 -23.68
CA GLY A 69 -12.15 -23.46 -23.73
C GLY A 69 -11.62 -22.05 -23.92
N GLU A 70 -11.63 -21.26 -22.85
CA GLU A 70 -11.14 -19.89 -22.89
C GLU A 70 -10.13 -19.67 -21.76
N VAL A 71 -9.26 -18.67 -21.95
CA VAL A 71 -8.32 -18.27 -20.90
C VAL A 71 -9.12 -17.83 -19.67
N ALA A 72 -8.74 -18.36 -18.51
CA ALA A 72 -9.42 -18.06 -17.24
C ALA A 72 -10.92 -18.37 -17.27
N GLY A 73 -11.31 -19.38 -18.05
CA GLY A 73 -12.71 -19.80 -18.13
C GLY A 73 -13.17 -20.50 -16.85
N GLU A 74 -12.25 -21.22 -16.21
CA GLU A 74 -12.57 -21.98 -15.00
C GLU A 74 -12.00 -21.22 -13.79
N GLN A 75 -11.46 -21.94 -12.81
CA GLN A 75 -11.09 -21.36 -11.49
C GLN A 75 -10.46 -19.98 -11.49
N SER A 76 -9.52 -19.76 -12.40
CA SER A 76 -8.72 -18.53 -12.38
C SER A 76 -9.55 -17.29 -12.69
N GLY A 77 -10.66 -17.47 -13.41
CA GLY A 77 -11.57 -16.35 -13.69
C GLY A 77 -12.71 -16.18 -12.69
N ARG A 78 -12.78 -17.06 -11.69
CA ARG A 78 -13.95 -17.19 -10.80
C ARG A 78 -13.64 -17.01 -9.31
N ALA A 79 -12.38 -16.73 -8.99
CA ALA A 79 -11.89 -16.76 -7.62
C ALA A 79 -12.35 -15.54 -6.81
N TYR A 80 -12.51 -15.73 -5.50
CA TYR A 80 -12.69 -14.64 -4.56
C TYR A 80 -11.51 -13.69 -4.68
N SER A 81 -10.31 -14.29 -4.74
CA SER A 81 -9.11 -13.62 -5.22
C SER A 81 -8.51 -12.61 -4.23
N GLN A 82 -8.44 -12.99 -2.96
CA GLN A 82 -7.63 -12.29 -1.98
C GLN A 82 -6.23 -12.87 -2.01
N ILE A 83 -5.22 -11.99 -2.09
CA ILE A 83 -3.82 -12.40 -2.19
C ILE A 83 -3.15 -12.21 -0.82
N ILE A 84 -3.02 -13.30 -0.07
CA ILE A 84 -2.60 -13.22 1.33
C ILE A 84 -1.62 -14.32 1.74
N SER A 85 -0.91 -14.05 2.83
CA SER A 85 -0.05 -15.04 3.49
C SER A 85 -0.54 -15.44 4.88
N TYR A 86 -1.56 -14.74 5.41
CA TYR A 86 -2.00 -14.94 6.80
C TYR A 86 -2.33 -16.39 7.10
N GLN A 87 -1.85 -16.85 8.24
CA GLN A 87 -2.10 -18.21 8.76
C GLN A 87 -1.66 -19.35 7.85
N THR A 88 -0.67 -19.12 6.98
CA THR A 88 -0.14 -20.18 6.13
C THR A 88 0.85 -21.04 6.89
N SER A 89 0.97 -22.30 6.49
CA SER A 89 1.92 -23.23 7.10
C SER A 89 3.34 -22.86 6.69
N PRO A 90 4.35 -23.44 7.36
CA PRO A 90 5.74 -23.15 7.00
C PRO A 90 6.13 -23.54 5.58
N GLU A 91 5.54 -24.62 5.07
CA GLU A 91 5.87 -25.11 3.74
C GLU A 91 5.23 -24.23 2.66
N ILE A 92 4.10 -23.60 3.00
CA ILE A 92 3.29 -22.83 2.05
C ILE A 92 3.61 -21.32 2.10
N PHE A 93 3.99 -20.84 3.27
CA PHE A 93 4.22 -19.40 3.51
C PHE A 93 5.16 -18.72 2.50
N PRO A 94 6.29 -19.35 2.16
CA PRO A 94 7.19 -18.71 1.18
C PRO A 94 6.54 -18.52 -0.18
N LEU A 95 5.74 -19.51 -0.58
CA LEU A 95 4.97 -19.46 -1.82
C LEU A 95 4.05 -18.26 -1.82
N HIS A 96 3.39 -18.01 -0.70
CA HIS A 96 2.48 -16.87 -0.58
C HIS A 96 3.25 -15.55 -0.42
N HIS A 97 4.30 -15.57 0.41
CA HIS A 97 5.08 -14.38 0.69
C HIS A 97 5.73 -13.84 -0.60
N TYR A 98 6.32 -14.75 -1.37
CA TYR A 98 6.99 -14.42 -2.64
C TYR A 98 5.98 -14.18 -3.77
N GLY A 99 4.86 -14.90 -3.74
CA GLY A 99 3.73 -14.58 -4.61
C GLY A 99 3.32 -13.11 -4.50
N LYS A 100 3.16 -12.62 -3.27
CA LYS A 100 2.83 -11.22 -3.02
C LYS A 100 3.89 -10.24 -3.54
N ILE A 101 5.17 -10.58 -3.32
CA ILE A 101 6.31 -9.80 -3.84
C ILE A 101 6.22 -9.66 -5.37
N LEU A 102 6.03 -10.79 -6.04
CA LEU A 102 5.92 -10.82 -7.49
C LEU A 102 4.70 -10.06 -8.02
N TRP A 103 3.55 -10.22 -7.36
CA TRP A 103 2.35 -9.47 -7.73
C TRP A 103 2.59 -7.97 -7.64
N ARG A 104 3.30 -7.53 -6.59
CA ARG A 104 3.58 -6.10 -6.41
C ARG A 104 4.44 -5.51 -7.54
N GLY A 105 5.26 -6.35 -8.18
CA GLY A 105 6.06 -5.94 -9.33
C GLY A 105 5.44 -6.24 -10.69
N MET A 106 4.23 -6.80 -10.71
CA MET A 106 3.65 -7.36 -11.94
C MET A 106 3.24 -6.31 -12.98
N ASN A 107 2.57 -5.24 -12.55
CA ASN A 107 2.16 -4.20 -13.49
C ASN A 107 3.38 -3.53 -14.14
N GLU A 108 4.43 -3.31 -13.35
CA GLU A 108 5.68 -2.76 -13.86
C GLU A 108 6.28 -3.71 -14.91
N LYS A 109 6.35 -4.99 -14.57
CA LYS A 109 6.90 -6.01 -15.47
C LYS A 109 6.21 -6.02 -16.84
N ILE A 110 4.88 -6.03 -16.85
CA ILE A 110 4.12 -6.21 -18.10
C ILE A 110 3.65 -4.92 -18.76
N GLY A 111 3.92 -3.77 -18.15
CA GLY A 111 3.53 -2.48 -18.73
C GLY A 111 2.03 -2.35 -18.91
N ALA A 112 1.27 -2.86 -17.96
CA ALA A 112 -0.19 -2.83 -18.02
C ALA A 112 -0.78 -3.01 -16.63
N ASP A 113 -2.09 -2.89 -16.53
CA ASP A 113 -2.76 -2.99 -15.25
C ASP A 113 -3.47 -4.32 -15.12
N THR A 114 -2.94 -5.19 -14.26
CA THR A 114 -3.55 -6.48 -13.97
C THR A 114 -4.80 -6.37 -13.10
N SER A 115 -5.03 -5.18 -12.56
CA SER A 115 -5.97 -4.89 -11.48
C SER A 115 -5.41 -5.21 -10.09
N TYR A 116 -4.18 -5.70 -9.99
CA TYR A 116 -3.59 -5.96 -8.67
C TYR A 116 -3.48 -4.66 -7.88
N ARG A 117 -3.89 -4.70 -6.61
CA ARG A 117 -3.78 -3.57 -5.69
C ARG A 117 -3.35 -4.06 -4.31
N THR A 118 -2.50 -3.29 -3.63
CA THR A 118 -2.19 -3.54 -2.23
C THR A 118 -3.27 -2.80 -1.44
N GLN A 119 -4.06 -3.54 -0.66
CA GLN A 119 -5.25 -2.95 -0.04
C GLN A 119 -5.39 -3.16 1.47
N GLY A 120 -4.75 -4.18 2.02
CA GLY A 120 -4.88 -4.47 3.44
C GLY A 120 -6.10 -5.32 3.78
N ARG A 121 -5.94 -6.20 4.77
CA ARG A 121 -6.99 -7.15 5.18
C ARG A 121 -7.15 -7.19 6.70
N VAL A 122 -8.34 -6.84 7.18
CA VAL A 122 -8.69 -6.90 8.59
C VAL A 122 -9.54 -8.15 8.88
N GLU A 123 -9.00 -9.06 9.69
CA GLU A 123 -9.78 -10.19 10.20
C GLU A 123 -10.07 -10.03 11.69
N ALA A 124 -11.32 -9.73 12.03
CA ALA A 124 -11.73 -9.66 13.43
C ALA A 124 -11.56 -11.04 14.09
N LEU A 125 -11.06 -11.05 15.33
CA LEU A 125 -10.87 -12.30 16.07
C LEU A 125 -11.95 -12.42 17.14
N ALA A 126 -12.58 -13.60 17.23
CA ALA A 126 -13.81 -13.78 18.03
C ALA A 126 -13.59 -13.92 19.54
N ASP A 127 -12.45 -14.44 19.96
CA ASP A 127 -12.16 -14.64 21.38
C ASP A 127 -10.65 -14.78 21.66
N GLU A 128 -10.29 -15.04 22.91
CA GLU A 128 -8.88 -15.08 23.33
C GLU A 128 -8.11 -16.21 22.67
N LYS A 129 -8.78 -17.33 22.42
CA LYS A 129 -8.15 -18.48 21.75
C LYS A 129 -7.74 -18.13 20.31
N ALA A 130 -8.65 -17.47 19.60
CA ALA A 130 -8.38 -16.97 18.26
C ALA A 130 -7.26 -15.94 18.30
N LEU A 131 -7.39 -14.95 19.21
CA LEU A 131 -6.35 -13.96 19.45
C LEU A 131 -5.00 -14.59 19.76
N ASP A 132 -5.01 -15.65 20.58
CA ASP A 132 -3.78 -16.37 20.90
C ASP A 132 -3.15 -17.00 19.66
N ARG A 133 -3.98 -17.61 18.81
CA ARG A 133 -3.49 -18.27 17.61
C ARG A 133 -2.94 -17.26 16.59
N ALA A 134 -3.63 -16.14 16.45
CA ALA A 134 -3.19 -15.06 15.57
C ALA A 134 -1.83 -14.51 15.99
N GLN A 135 -1.67 -14.19 17.28
CA GLN A 135 -0.41 -13.64 17.78
C GLN A 135 0.75 -14.63 17.65
N GLU A 136 0.46 -15.91 17.87
CA GLU A 136 1.47 -16.95 17.75
C GLU A 136 1.98 -17.09 16.31
N TRP A 137 1.08 -17.04 15.34
CA TRP A 137 1.46 -17.18 13.93
C TRP A 137 2.27 -15.96 13.45
N ILE A 138 1.77 -14.77 13.79
CA ILE A 138 2.43 -13.50 13.44
C ILE A 138 3.86 -13.46 14.00
N LYS A 139 4.03 -13.94 15.22
CA LYS A 139 5.32 -14.02 15.89
C LYS A 139 6.32 -14.86 15.08
N THR A 140 5.88 -16.05 14.68
CA THR A 140 6.76 -17.00 13.95
C THR A 140 7.01 -16.57 12.51
N ALA A 141 5.98 -16.02 11.86
CA ALA A 141 6.09 -15.58 10.48
C ALA A 141 7.00 -14.36 10.37
N LYS A 142 6.89 -13.44 11.33
CA LYS A 142 7.75 -12.26 11.38
C LYS A 142 9.22 -12.66 11.48
N GLU A 143 9.50 -13.75 12.19
CA GLU A 143 10.87 -14.25 12.36
C GLU A 143 11.42 -14.99 11.12
N THR A 144 10.53 -15.57 10.31
CA THR A 144 10.95 -16.46 9.23
C THR A 144 10.71 -15.92 7.81
N ALA A 145 10.18 -14.70 7.70
CA ALA A 145 9.84 -14.11 6.40
C ALA A 145 11.05 -14.04 5.48
N GLY A 146 10.92 -14.57 4.26
CA GLY A 146 12.05 -14.73 3.34
C GLY A 146 12.26 -13.59 2.36
N PHE A 147 13.20 -13.80 1.44
CA PHE A 147 13.45 -12.90 0.31
C PHE A 147 13.72 -11.45 0.70
N ASP A 148 14.29 -11.24 1.89
CA ASP A 148 14.64 -9.89 2.37
C ASP A 148 13.47 -8.90 2.37
N VAL A 149 12.25 -9.42 2.56
CA VAL A 149 11.06 -8.61 2.70
C VAL A 149 10.39 -8.96 4.03
N PRO A 150 10.17 -7.95 4.89
CA PRO A 150 9.55 -8.24 6.18
C PRO A 150 8.04 -8.44 6.09
N LEU A 151 7.52 -9.26 7.01
CA LEU A 151 6.07 -9.40 7.19
C LEU A 151 5.49 -8.05 7.59
N ASN A 152 4.31 -7.71 7.06
CA ASN A 152 3.59 -6.51 7.49
C ASN A 152 2.19 -6.91 7.92
N THR A 153 2.15 -7.74 8.97
CA THR A 153 0.92 -8.23 9.58
C THR A 153 0.98 -8.00 11.10
N ARG A 154 -0.05 -7.38 11.66
CA ARG A 154 -0.09 -7.07 13.11
C ARG A 154 -1.50 -7.14 13.71
N ILE A 155 -1.57 -7.11 15.05
CA ILE A 155 -2.84 -6.99 15.77
C ILE A 155 -3.22 -5.52 15.93
N ILE A 156 -4.49 -5.19 15.69
CA ILE A 156 -4.99 -3.84 15.91
C ILE A 156 -6.25 -3.83 16.78
N LYS A 157 -6.57 -2.66 17.34
CA LYS A 157 -7.70 -2.51 18.26
C LYS A 157 -8.16 -1.06 18.42
N GLY A 158 -9.16 -0.84 19.26
CA GLY A 158 -9.62 0.49 19.65
C GLY A 158 -10.08 1.37 18.49
N GLU A 159 -9.60 2.62 18.51
CA GLU A 159 -9.92 3.62 17.49
C GLU A 159 -9.51 3.16 16.08
N GLU A 160 -8.31 2.59 15.97
CA GLU A 160 -7.79 2.16 14.68
C GLU A 160 -8.66 1.10 14.04
N LEU A 161 -9.03 0.09 14.82
CA LEU A 161 -9.87 -1.00 14.32
C LEU A 161 -11.25 -0.49 13.95
N SER A 162 -11.86 0.32 14.81
CA SER A 162 -13.23 0.77 14.60
C SER A 162 -13.40 1.61 13.32
N ASN A 163 -12.36 2.36 12.95
CA ASN A 163 -12.40 3.15 11.72
C ASN A 163 -12.13 2.30 10.48
N ARG A 164 -11.26 1.30 10.60
CA ARG A 164 -11.11 0.26 9.57
C ARG A 164 -12.43 -0.48 9.34
N LEU A 165 -13.13 -0.81 10.42
CA LEU A 165 -14.43 -1.46 10.35
C LEU A 165 -15.54 -0.45 10.62
N VAL A 166 -15.52 0.64 9.86
CA VAL A 166 -16.50 1.72 10.02
C VAL A 166 -17.95 1.25 9.86
N GLY A 167 -18.81 1.71 10.77
CA GLY A 167 -20.24 1.41 10.73
C GLY A 167 -20.62 0.03 11.24
N ALA A 168 -19.66 -0.67 11.85
CA ALA A 168 -19.87 -2.06 12.27
C ALA A 168 -20.82 -2.15 13.46
N GLN A 169 -21.85 -2.98 13.33
CA GLN A 169 -22.85 -3.16 14.39
C GLN A 169 -22.39 -4.05 15.54
N THR A 170 -21.34 -4.85 15.32
CA THR A 170 -20.80 -5.70 16.38
C THR A 170 -19.58 -5.03 17.04
N PRO A 171 -19.49 -5.08 18.39
CA PRO A 171 -18.35 -4.48 19.10
C PRO A 171 -17.03 -5.27 18.99
N TRP A 172 -16.43 -5.29 17.80
CA TRP A 172 -15.16 -6.01 17.62
C TRP A 172 -14.06 -5.28 18.38
N THR A 173 -13.25 -6.04 19.13
CA THR A 173 -12.23 -5.46 20.00
C THR A 173 -10.80 -5.69 19.50
N VAL A 174 -10.59 -6.73 18.71
CA VAL A 174 -9.25 -7.11 18.29
C VAL A 174 -9.27 -7.81 16.92
N ALA A 175 -8.19 -7.65 16.15
CA ALA A 175 -8.13 -8.17 14.79
C ALA A 175 -6.70 -8.29 14.29
N ALA A 176 -6.45 -9.30 13.45
CA ALA A 176 -5.18 -9.42 12.72
C ALA A 176 -5.26 -8.62 11.41
N PHE A 177 -4.28 -7.74 11.21
CA PHE A 177 -4.28 -6.80 10.08
C PHE A 177 -3.07 -7.06 9.21
N GLU A 178 -3.30 -7.70 8.06
CA GLU A 178 -2.27 -7.89 7.05
C GLU A 178 -2.27 -6.64 6.17
N GLU A 179 -1.46 -5.66 6.54
CA GLU A 179 -1.55 -4.33 5.91
C GLU A 179 -1.18 -4.33 4.43
N ASP A 180 -0.34 -5.26 4.01
CA ASP A 180 0.08 -5.34 2.60
C ASP A 180 -0.61 -6.49 1.85
N SER A 181 -1.80 -6.88 2.29
CA SER A 181 -2.54 -7.92 1.57
C SER A 181 -2.87 -7.39 0.18
N GLY A 182 -3.01 -8.30 -0.77
CA GLY A 182 -3.31 -7.96 -2.15
C GLY A 182 -4.71 -8.29 -2.61
N SER A 183 -5.07 -7.73 -3.75
CA SER A 183 -6.33 -8.00 -4.42
C SER A 183 -6.10 -7.96 -5.92
N VAL A 184 -6.65 -8.93 -6.63
CA VAL A 184 -6.68 -8.90 -8.09
C VAL A 184 -8.07 -9.36 -8.54
N ASP A 185 -8.67 -8.63 -9.46
CA ASP A 185 -9.97 -9.00 -9.99
C ASP A 185 -9.76 -10.10 -11.04
N PRO A 186 -10.28 -11.31 -10.77
CA PRO A 186 -9.97 -12.47 -11.63
C PRO A 186 -10.47 -12.33 -13.05
N GLU A 187 -11.50 -11.53 -13.27
CA GLU A 187 -11.95 -11.24 -14.63
C GLU A 187 -10.89 -10.51 -15.44
N THR A 188 -10.00 -9.79 -14.76
CA THR A 188 -8.99 -8.95 -15.40
C THR A 188 -7.59 -9.55 -15.38
N GLY A 189 -7.19 -10.08 -14.23
CA GLY A 189 -5.79 -10.48 -13.99
C GLY A 189 -5.18 -11.49 -14.94
N THR A 190 -5.76 -12.68 -15.02
CA THR A 190 -5.18 -13.73 -15.84
C THR A 190 -5.24 -13.38 -17.34
N PRO A 191 -6.35 -12.79 -17.81
CA PRO A 191 -6.37 -12.37 -19.22
C PRO A 191 -5.30 -11.35 -19.60
N THR A 192 -5.03 -10.38 -18.72
CA THR A 192 -4.01 -9.36 -19.01
CA THR A 192 -4.01 -9.37 -19.00
C THR A 192 -2.62 -10.00 -19.00
N LEU A 193 -2.41 -10.98 -18.13
CA LEU A 193 -1.17 -11.73 -18.11
C LEU A 193 -1.04 -12.60 -19.37
N ALA A 194 -2.17 -13.11 -19.87
CA ALA A 194 -2.21 -13.85 -21.13
C ALA A 194 -1.76 -12.99 -22.32
N ARG A 195 -2.19 -11.73 -22.31
CA ARG A 195 -1.81 -10.78 -23.37
CA ARG A 195 -1.81 -10.79 -23.37
C ARG A 195 -0.32 -10.51 -23.35
N TYR A 196 0.23 -10.35 -22.15
CA TYR A 196 1.68 -10.17 -22.00
C TYR A 196 2.43 -11.39 -22.50
N ALA A 197 1.96 -12.58 -22.09
CA ALA A 197 2.56 -13.82 -22.57
C ALA A 197 2.69 -13.80 -24.10
N LYS A 198 1.59 -13.44 -24.77
CA LYS A 198 1.57 -13.40 -26.23
C LYS A 198 2.56 -12.38 -26.79
N GLN A 199 2.70 -11.24 -26.12
CA GLN A 199 3.65 -10.20 -26.52
C GLN A 199 5.11 -10.67 -26.47
N ILE A 200 5.44 -11.53 -25.51
CA ILE A 200 6.81 -12.02 -25.40
C ILE A 200 7.04 -13.31 -26.20
N GLY A 201 6.04 -13.76 -26.97
CA GLY A 201 6.21 -14.86 -27.91
C GLY A 201 5.56 -16.18 -27.55
N VAL A 202 4.85 -16.23 -26.43
CA VAL A 202 4.06 -17.42 -26.10
C VAL A 202 2.91 -17.50 -27.10
N LYS A 203 2.67 -18.69 -27.66
CA LYS A 203 1.52 -18.94 -28.52
C LYS A 203 0.41 -19.55 -27.67
N ILE A 204 -0.81 -19.02 -27.79
CA ILE A 204 -1.95 -19.51 -27.02
C ILE A 204 -3.07 -19.90 -27.97
N TYR A 205 -3.47 -21.18 -27.93
CA TYR A 205 -4.55 -21.68 -28.79
C TYR A 205 -5.74 -22.10 -27.93
N THR A 206 -6.82 -21.32 -28.00
CA THR A 206 -8.04 -21.61 -27.27
C THR A 206 -8.95 -22.51 -28.12
N HIS A 207 -10.02 -23.02 -27.52
CA HIS A 207 -10.87 -24.02 -28.16
C HIS A 207 -10.04 -25.19 -28.68
N CYS A 208 -9.06 -25.61 -27.90
CA CYS A 208 -8.11 -26.63 -28.34
C CYS A 208 -7.70 -27.57 -27.19
N ALA A 209 -8.40 -28.69 -27.09
CA ALA A 209 -8.18 -29.64 -26.02
C ALA A 209 -6.96 -30.49 -26.30
N VAL A 210 -6.17 -30.77 -25.26
CA VAL A 210 -5.08 -31.75 -25.34
C VAL A 210 -5.62 -33.09 -24.85
N ARG A 211 -5.61 -34.09 -25.74
CA ARG A 211 -6.14 -35.42 -25.39
C ARG A 211 -5.17 -36.24 -24.56
N GLY A 212 -3.88 -36.14 -24.90
CA GLY A 212 -2.87 -36.86 -24.18
C GLY A 212 -1.47 -36.62 -24.71
N ILE A 213 -0.53 -37.40 -24.18
CA ILE A 213 0.88 -37.29 -24.50
C ILE A 213 1.36 -38.60 -25.08
N GLU A 214 2.09 -38.54 -26.17
CA GLU A 214 2.74 -39.72 -26.73
C GLU A 214 4.19 -39.80 -26.28
N THR A 215 4.59 -41.00 -25.87
CA THR A 215 5.90 -41.23 -25.29
C THR A 215 6.33 -42.68 -25.50
N ALA A 216 7.64 -42.91 -25.50
CA ALA A 216 8.21 -44.24 -25.65
C ALA A 216 9.70 -44.18 -25.34
N GLY A 217 10.21 -45.22 -24.69
CA GLY A 217 11.60 -45.23 -24.24
C GLY A 217 11.88 -44.24 -23.12
N GLY A 218 10.82 -43.81 -22.43
CA GLY A 218 10.94 -42.85 -21.35
C GLY A 218 11.16 -41.41 -21.82
N LYS A 219 10.85 -41.13 -23.07
CA LYS A 219 10.90 -39.76 -23.59
C LYS A 219 9.61 -39.38 -24.30
N ILE A 220 9.05 -38.25 -23.88
CA ILE A 220 7.90 -37.65 -24.55
C ILE A 220 8.34 -37.19 -25.93
N SER A 221 7.53 -37.49 -26.93
CA SER A 221 7.81 -37.08 -28.31
C SER A 221 6.82 -36.01 -28.79
N ASP A 222 5.58 -36.06 -28.33
CA ASP A 222 4.59 -35.05 -28.70
C ASP A 222 3.37 -35.05 -27.79
N VAL A 223 2.59 -33.96 -27.87
CA VAL A 223 1.25 -33.92 -27.31
C VAL A 223 0.27 -34.02 -28.47
N VAL A 224 -0.86 -34.67 -28.24
CA VAL A 224 -1.89 -34.79 -29.27
C VAL A 224 -3.10 -33.96 -28.87
N THR A 225 -3.45 -32.99 -29.71
CA THR A 225 -4.63 -32.15 -29.49
C THR A 225 -5.74 -32.60 -30.43
N GLU A 226 -6.91 -32.01 -30.25
CA GLU A 226 -8.04 -32.25 -31.15
C GLU A 226 -7.83 -31.69 -32.55
N LYS A 227 -6.82 -30.82 -32.71
CA LYS A 227 -6.53 -30.16 -33.99
C LYS A 227 -5.18 -30.59 -34.60
N GLY A 228 -4.54 -31.59 -34.02
CA GLY A 228 -3.22 -32.03 -34.47
C GLY A 228 -2.22 -32.21 -33.34
N ALA A 229 -1.07 -32.77 -33.70
CA ALA A 229 -0.01 -33.04 -32.73
C ALA A 229 1.05 -31.95 -32.77
N ILE A 230 1.70 -31.73 -31.64
CA ILE A 230 2.83 -30.82 -31.56
C ILE A 230 4.01 -31.56 -30.94
N ARG A 231 5.12 -31.63 -31.66
CA ARG A 231 6.31 -32.31 -31.13
C ARG A 231 6.95 -31.51 -30.01
N THR A 232 7.29 -32.20 -28.92
CA THR A 232 8.04 -31.61 -27.82
C THR A 232 8.60 -32.71 -26.92
N SER A 233 9.57 -32.37 -26.09
CA SER A 233 10.03 -33.29 -25.05
C SER A 233 9.75 -32.75 -23.64
N ASN A 234 9.08 -31.60 -23.55
CA ASN A 234 8.76 -30.98 -22.27
C ASN A 234 7.31 -30.51 -22.21
N VAL A 235 6.58 -31.01 -21.21
CA VAL A 235 5.17 -30.71 -21.06
C VAL A 235 4.89 -30.32 -19.62
N VAL A 236 4.12 -29.26 -19.45
CA VAL A 236 3.60 -28.86 -18.15
C VAL A 236 2.08 -29.10 -18.19
N LEU A 237 1.58 -29.92 -17.27
CA LEU A 237 0.13 -30.05 -17.06
C LEU A 237 -0.28 -29.06 -15.99
N ALA A 238 -1.07 -28.07 -16.39
CA ALA A 238 -1.63 -27.09 -15.48
C ALA A 238 -3.14 -27.02 -15.75
N GLY A 239 -3.78 -28.19 -15.67
CA GLY A 239 -5.16 -28.34 -16.14
C GLY A 239 -6.24 -28.12 -15.09
N GLY A 240 -5.87 -27.55 -13.96
CA GLY A 240 -6.82 -27.32 -12.87
C GLY A 240 -7.54 -28.59 -12.44
N ILE A 241 -8.86 -28.54 -12.39
CA ILE A 241 -9.66 -29.68 -11.90
C ILE A 241 -9.55 -30.90 -12.82
N TRP A 242 -9.15 -30.67 -14.06
CA TRP A 242 -9.05 -31.73 -15.06
C TRP A 242 -7.74 -32.52 -15.01
N SER A 243 -6.80 -32.10 -14.18
CA SER A 243 -5.48 -32.74 -14.13
C SER A 243 -5.57 -34.21 -13.72
N ARG A 244 -6.38 -34.52 -12.70
CA ARG A 244 -6.55 -35.90 -12.26
C ARG A 244 -7.01 -36.78 -13.41
N LEU A 245 -8.04 -36.33 -14.12
CA LEU A 245 -8.57 -37.10 -15.24
C LEU A 245 -7.52 -37.31 -16.33
N PHE A 246 -6.80 -36.24 -16.69
CA PHE A 246 -5.73 -36.33 -17.67
C PHE A 246 -4.67 -37.35 -17.26
N MET A 247 -4.27 -37.34 -15.98
CA MET A 247 -3.21 -38.25 -15.53
C MET A 247 -3.69 -39.70 -15.37
N GLY A 248 -4.97 -39.90 -15.10
CA GLY A 248 -5.54 -41.23 -14.99
C GLY A 248 -5.44 -42.00 -16.28
N ASN A 249 -5.56 -41.28 -17.41
CA ASN A 249 -5.39 -41.88 -18.73
C ASN A 249 -3.95 -42.31 -19.02
N MET A 250 -3.00 -41.81 -18.23
CA MET A 250 -1.59 -42.22 -18.33
C MET A 250 -1.17 -43.16 -17.18
N GLY A 251 -2.16 -43.64 -16.42
CA GLY A 251 -1.89 -44.58 -15.34
C GLY A 251 -1.29 -43.98 -14.09
N VAL A 252 -1.43 -42.67 -13.91
CA VAL A 252 -0.92 -42.00 -12.72
C VAL A 252 -2.10 -41.41 -11.93
N ASP A 253 -2.12 -41.65 -10.62
CA ASP A 253 -3.19 -41.19 -9.76
C ASP A 253 -2.85 -39.87 -9.07
N LEU A 254 -3.67 -38.83 -9.32
CA LEU A 254 -3.59 -37.59 -8.55
C LEU A 254 -4.74 -37.59 -7.54
N PRO A 255 -4.42 -37.50 -6.24
CA PRO A 255 -5.45 -37.54 -5.22
C PRO A 255 -6.13 -36.20 -4.98
N THR A 256 -6.97 -35.78 -5.94
CA THR A 256 -7.71 -34.53 -5.83
C THR A 256 -9.21 -34.79 -5.86
N LEU A 257 -9.96 -34.00 -5.09
CA LEU A 257 -11.42 -34.15 -4.99
C LEU A 257 -12.10 -32.82 -5.25
N ASN A 258 -13.06 -32.80 -6.16
CA ASN A 258 -13.76 -31.56 -6.52
C ASN A 258 -14.64 -31.06 -5.38
N VAL A 259 -14.73 -29.74 -5.26
CA VAL A 259 -15.58 -29.07 -4.29
C VAL A 259 -16.26 -27.92 -5.02
N TYR A 260 -17.55 -27.69 -4.76
CA TYR A 260 -18.31 -26.61 -5.41
C TYR A 260 -18.43 -25.38 -4.53
N LEU A 261 -18.27 -24.22 -5.15
CA LEU A 261 -18.33 -22.94 -4.46
C LEU A 261 -19.22 -21.98 -5.24
N SER A 262 -19.62 -20.90 -4.57
CA SER A 262 -20.37 -19.83 -5.20
CA SER A 262 -20.39 -19.83 -5.19
C SER A 262 -19.76 -18.49 -4.82
N GLN A 263 -19.87 -17.51 -5.71
CA GLN A 263 -19.33 -16.17 -5.49
C GLN A 263 -20.27 -15.12 -6.07
N GLN A 264 -20.10 -13.88 -5.63
CA GLN A 264 -20.87 -12.77 -6.18
C GLN A 264 -20.12 -11.43 -6.12
N ARG A 265 -20.66 -10.45 -6.85
CA ARG A 265 -20.26 -9.06 -6.73
C ARG A 265 -21.48 -8.23 -6.35
N VAL A 266 -21.30 -7.32 -5.39
CA VAL A 266 -22.34 -6.33 -5.03
C VAL A 266 -21.80 -4.93 -5.27
N SER A 267 -22.71 -3.97 -5.49
CA SER A 267 -22.30 -2.61 -5.80
C SER A 267 -21.75 -1.90 -4.56
N GLY A 268 -20.81 -0.99 -4.80
CA GLY A 268 -20.25 -0.16 -3.74
C GLY A 268 -21.23 0.89 -3.26
N VAL A 269 -21.08 1.32 -2.02
CA VAL A 269 -21.94 2.34 -1.44
C VAL A 269 -21.10 3.33 -0.66
N PRO A 270 -21.59 4.58 -0.47
CA PRO A 270 -20.83 5.52 0.34
C PRO A 270 -20.80 5.09 1.80
N GLY A 271 -19.64 5.18 2.43
CA GLY A 271 -19.50 4.89 3.86
C GLY A 271 -19.27 3.43 4.19
N ALA A 272 -19.00 2.61 3.18
CA ALA A 272 -18.67 1.20 3.40
C ALA A 272 -17.21 1.08 3.79
N PRO A 273 -16.86 0.06 4.60
CA PRO A 273 -15.43 -0.18 4.85
C PRO A 273 -14.69 -0.47 3.55
N ARG A 274 -13.41 -0.13 3.52
CA ARG A 274 -12.59 -0.30 2.33
C ARG A 274 -11.71 -1.54 2.44
N GLY A 275 -11.18 -1.97 1.30
CA GLY A 275 -10.26 -3.09 1.26
C GLY A 275 -10.94 -4.41 1.60
N ASN A 276 -10.25 -5.23 2.39
CA ASN A 276 -10.63 -6.62 2.62
C ASN A 276 -11.03 -6.86 4.08
N VAL A 277 -12.27 -7.32 4.30
CA VAL A 277 -12.79 -7.57 5.65
C VAL A 277 -13.16 -9.06 5.83
N HIS A 278 -12.74 -9.66 6.94
CA HIS A 278 -13.13 -11.03 7.32
C HIS A 278 -13.59 -11.05 8.78
N LEU A 279 -14.88 -11.26 8.99
CA LEU A 279 -15.45 -11.35 10.33
C LEU A 279 -15.89 -12.79 10.67
N PRO A 280 -15.72 -13.20 11.94
CA PRO A 280 -16.01 -14.58 12.36
C PRO A 280 -17.50 -14.96 12.36
N ASN A 281 -18.38 -13.98 12.20
CA ASN A 281 -19.81 -14.26 12.02
C ASN A 281 -20.20 -14.42 10.54
N GLY A 282 -19.28 -14.95 9.74
CA GLY A 282 -19.58 -15.36 8.37
C GLY A 282 -19.73 -14.22 7.37
N ILE A 283 -18.86 -13.23 7.46
CA ILE A 283 -18.89 -12.06 6.56
C ILE A 283 -17.50 -11.83 5.98
N HIS A 284 -17.41 -11.90 4.65
CA HIS A 284 -16.14 -11.77 3.95
C HIS A 284 -16.36 -10.99 2.65
N PHE A 285 -15.77 -9.79 2.58
CA PHE A 285 -15.82 -9.00 1.35
C PHE A 285 -14.47 -8.37 0.98
N ARG A 286 -14.30 -8.09 -0.31
CA ARG A 286 -13.05 -7.55 -0.88
C ARG A 286 -13.42 -6.49 -1.91
N GLU A 287 -13.02 -5.24 -1.66
CA GLU A 287 -13.28 -4.16 -2.61
C GLU A 287 -12.45 -4.43 -3.86
N GLN A 288 -13.10 -4.32 -5.02
CA GLN A 288 -12.45 -4.53 -6.30
C GLN A 288 -11.95 -3.20 -6.86
N ALA A 289 -11.08 -3.27 -7.86
CA ALA A 289 -10.52 -2.08 -8.50
C ALA A 289 -11.60 -1.27 -9.24
N ASP A 290 -12.73 -1.90 -9.54
CA ASP A 290 -13.82 -1.24 -10.28
C ASP A 290 -14.90 -0.63 -9.39
N GLY A 291 -14.71 -0.64 -8.08
CA GLY A 291 -15.67 -0.04 -7.14
C GLY A 291 -16.67 -1.02 -6.55
N THR A 292 -16.86 -2.17 -7.19
CA THR A 292 -17.76 -3.21 -6.65
C THR A 292 -17.06 -4.02 -5.56
N TYR A 293 -17.83 -4.82 -4.84
CA TYR A 293 -17.32 -5.65 -3.76
C TYR A 293 -17.55 -7.13 -4.08
N ALA A 294 -16.47 -7.90 -4.07
CA ALA A 294 -16.57 -9.35 -4.12
C ALA A 294 -17.00 -9.83 -2.74
N VAL A 295 -17.99 -10.73 -2.71
CA VAL A 295 -18.53 -11.27 -1.45
C VAL A 295 -18.51 -12.80 -1.50
N ALA A 296 -17.91 -13.43 -0.50
CA ALA A 296 -17.74 -14.87 -0.47
C ALA A 296 -18.53 -15.47 0.68
N PRO A 297 -19.40 -16.45 0.39
CA PRO A 297 -20.04 -17.15 1.49
C PRO A 297 -19.06 -18.07 2.22
N ARG A 298 -19.47 -18.52 3.40
CA ARG A 298 -18.64 -19.34 4.26
C ARG A 298 -18.58 -20.81 3.81
N ILE A 299 -19.64 -21.28 3.15
CA ILE A 299 -19.89 -22.72 2.94
C ILE A 299 -19.38 -23.25 1.60
N PHE A 300 -19.03 -24.53 1.58
CA PHE A 300 -18.78 -25.25 0.34
C PHE A 300 -19.62 -26.53 0.27
N THR A 301 -19.86 -27.02 -0.94
CA THR A 301 -20.60 -28.28 -1.09
C THR A 301 -19.79 -29.38 -1.77
N SER A 302 -19.95 -30.59 -1.24
CA SER A 302 -19.40 -31.79 -1.85
C SER A 302 -20.53 -32.55 -2.51
N SER A 303 -20.55 -32.52 -3.84
CA SER A 303 -21.50 -33.31 -4.59
C SER A 303 -20.96 -34.74 -4.61
N ILE A 304 -21.74 -35.67 -4.09
CA ILE A 304 -21.30 -37.05 -3.94
C ILE A 304 -21.19 -37.71 -5.31
N VAL A 305 -19.98 -38.16 -5.62
CA VAL A 305 -19.65 -38.76 -6.90
C VAL A 305 -18.77 -39.99 -6.70
N LYS A 306 -18.49 -40.68 -7.80
CA LYS A 306 -17.57 -41.82 -7.82
C LYS A 306 -16.27 -41.56 -7.03
N ASP A 307 -15.60 -40.43 -7.28
CA ASP A 307 -14.32 -40.14 -6.60
C ASP A 307 -14.46 -39.90 -5.09
N SER A 308 -15.66 -39.56 -4.63
CA SER A 308 -15.92 -39.44 -3.19
C SER A 308 -15.64 -40.78 -2.48
N PHE A 309 -15.99 -41.88 -3.15
CA PHE A 309 -15.70 -43.21 -2.63
C PHE A 309 -14.25 -43.61 -2.89
N LEU A 310 -13.72 -43.28 -4.06
CA LEU A 310 -12.36 -43.67 -4.42
C LEU A 310 -11.27 -42.99 -3.59
N LEU A 311 -11.53 -41.75 -3.15
CA LEU A 311 -10.54 -40.97 -2.39
C LEU A 311 -10.98 -40.66 -0.96
N GLY A 312 -12.16 -41.15 -0.58
CA GLY A 312 -12.79 -40.81 0.70
C GLY A 312 -11.92 -40.87 1.95
N PRO A 313 -11.15 -41.96 2.12
CA PRO A 313 -10.41 -42.13 3.38
C PRO A 313 -9.47 -40.97 3.71
N LYS A 314 -8.80 -40.43 2.70
CA LYS A 314 -7.88 -39.29 2.88
C LYS A 314 -8.62 -37.95 3.05
N PHE A 315 -9.85 -37.88 2.55
CA PHE A 315 -10.60 -36.62 2.43
C PHE A 315 -11.79 -36.48 3.37
N MET A 316 -11.73 -37.08 4.56
CA MET A 316 -12.90 -37.08 5.46
C MET A 316 -13.27 -35.67 5.96
N HIS A 317 -12.31 -34.75 5.94
CA HIS A 317 -12.57 -33.34 6.31
C HIS A 317 -13.47 -32.61 5.29
N LEU A 318 -13.59 -33.13 4.07
CA LEU A 318 -14.53 -32.62 3.06
C LEU A 318 -15.79 -33.48 2.93
N LEU A 319 -15.81 -34.62 3.62
CA LEU A 319 -16.90 -35.60 3.49
C LEU A 319 -17.53 -35.97 4.83
N GLY A 320 -17.67 -34.99 5.73
CA GLY A 320 -18.48 -35.15 6.95
C GLY A 320 -17.71 -35.13 8.26
N GLY A 321 -16.40 -35.36 8.18
CA GLY A 321 -15.51 -35.26 9.34
C GLY A 321 -15.03 -33.85 9.56
N GLY A 322 -14.55 -33.58 10.77
CA GLY A 322 -14.15 -32.23 11.17
C GLY A 322 -15.36 -31.32 11.33
N GLU A 323 -15.12 -30.02 11.41
CA GLU A 323 -16.21 -29.03 11.52
C GLU A 323 -16.03 -27.88 10.52
N LEU A 324 -15.55 -28.20 9.32
CA LEU A 324 -15.55 -27.24 8.23
C LEU A 324 -17.00 -26.99 7.81
N PRO A 325 -17.29 -25.77 7.32
CA PRO A 325 -18.66 -25.47 6.90
C PRO A 325 -18.99 -26.18 5.58
N LEU A 326 -19.52 -27.39 5.69
CA LEU A 326 -19.66 -28.30 4.56
C LEU A 326 -21.09 -28.80 4.41
N GLU A 327 -21.58 -28.82 3.17
CA GLU A 327 -22.89 -29.40 2.87
C GLU A 327 -22.78 -30.45 1.77
N PHE A 328 -23.38 -31.62 2.00
CA PHE A 328 -23.43 -32.65 0.98
C PHE A 328 -24.47 -32.26 -0.06
N SER A 329 -24.25 -32.73 -1.29
CA SER A 329 -25.29 -32.68 -2.32
C SER A 329 -25.24 -33.97 -3.12
N ILE A 330 -26.39 -34.42 -3.61
CA ILE A 330 -26.45 -35.61 -4.46
C ILE A 330 -27.46 -35.44 -5.57
N GLY A 331 -27.09 -35.82 -6.78
CA GLY A 331 -27.95 -35.62 -7.93
C GLY A 331 -27.42 -36.30 -9.18
N GLU A 332 -27.67 -35.65 -10.32
CA GLU A 332 -27.24 -36.17 -11.61
C GLU A 332 -25.73 -36.44 -11.64
N ASP A 333 -24.96 -35.62 -10.94
CA ASP A 333 -23.52 -35.80 -10.82
C ASP A 333 -23.09 -37.23 -10.48
N LEU A 334 -23.80 -37.87 -9.56
CA LEU A 334 -23.40 -39.20 -9.11
C LEU A 334 -23.32 -40.15 -10.30
N PHE A 335 -24.43 -40.27 -11.03
CA PHE A 335 -24.51 -41.19 -12.17
C PHE A 335 -23.60 -40.76 -13.32
N ASN A 336 -23.51 -39.46 -13.58
CA ASN A 336 -22.61 -38.94 -14.61
C ASN A 336 -21.13 -39.22 -14.32
N SER A 337 -20.75 -39.17 -13.05
CA SER A 337 -19.37 -39.45 -12.65
C SER A 337 -18.94 -40.88 -12.99
N PHE A 338 -19.88 -41.83 -12.99
CA PHE A 338 -19.59 -43.21 -13.41
C PHE A 338 -19.59 -43.39 -14.92
N LYS A 339 -20.29 -42.50 -15.63
CA LYS A 339 -20.31 -42.51 -17.10
C LYS A 339 -19.14 -41.75 -17.71
N MET A 340 -18.47 -40.91 -16.91
CA MET A 340 -17.28 -40.18 -17.36
C MET A 340 -16.17 -41.17 -17.71
N PRO A 341 -15.75 -41.22 -18.99
CA PRO A 341 -14.61 -42.08 -19.32
C PRO A 341 -13.34 -41.67 -18.57
N THR A 342 -12.59 -42.66 -18.08
CA THR A 342 -11.30 -42.41 -17.43
C THR A 342 -10.13 -42.85 -18.30
N SER A 343 -10.42 -43.38 -19.48
CA SER A 343 -9.42 -43.55 -20.52
C SER A 343 -10.04 -43.39 -21.91
N TRP A 344 -9.21 -42.97 -22.85
CA TRP A 344 -9.64 -42.70 -24.22
C TRP A 344 -8.39 -42.77 -25.10
N LYS A 345 -8.58 -43.18 -26.35
CA LYS A 345 -7.50 -43.18 -27.33
C LYS A 345 -7.26 -41.73 -27.76
N LEU A 346 -6.06 -41.43 -28.24
CA LEU A 346 -5.73 -40.05 -28.59
C LEU A 346 -6.30 -39.65 -29.94
N ASP A 347 -6.82 -40.62 -30.69
CA ASP A 347 -7.49 -40.36 -31.96
C ASP A 347 -9.03 -40.33 -31.85
N GLU A 348 -9.55 -40.41 -30.63
CA GLU A 348 -10.99 -40.23 -30.40
C GLU A 348 -11.28 -39.02 -29.50
N LYS A 349 -12.55 -38.61 -29.48
CA LYS A 349 -12.99 -37.46 -28.69
C LYS A 349 -12.78 -37.70 -27.20
N SER A 350 -12.22 -36.71 -26.51
CA SER A 350 -11.96 -36.80 -25.07
C SER A 350 -13.03 -36.04 -24.30
N PRO A 351 -13.17 -36.31 -22.99
CA PRO A 351 -14.13 -35.56 -22.17
C PRO A 351 -13.87 -34.05 -22.14
N PHE A 352 -12.63 -33.64 -22.41
CA PHE A 352 -12.24 -32.23 -22.44
C PHE A 352 -12.96 -31.45 -23.56
N GLU A 353 -13.31 -32.15 -24.63
CA GLU A 353 -14.01 -31.53 -25.75
C GLU A 353 -15.52 -31.39 -25.50
N GLN A 354 -16.01 -31.95 -24.40
CA GLN A 354 -17.42 -31.83 -24.02
C GLN A 354 -17.63 -30.72 -22.98
N TYR A 355 -16.73 -30.64 -22.01
CA TYR A 355 -16.78 -29.60 -20.97
C TYR A 355 -15.59 -28.66 -21.10
N ARG A 356 -15.68 -27.75 -22.06
CA ARG A 356 -14.59 -26.83 -22.36
C ARG A 356 -14.46 -25.73 -21.31
N ILE A 357 -15.59 -25.33 -20.72
CA ILE A 357 -15.61 -24.30 -19.67
C ILE A 357 -16.53 -24.80 -18.57
N ALA A 358 -15.98 -25.63 -17.68
CA ALA A 358 -16.78 -26.27 -16.66
C ALA A 358 -16.97 -25.38 -15.45
N THR A 359 -18.13 -25.52 -14.82
CA THR A 359 -18.36 -24.87 -13.55
C THR A 359 -19.41 -25.66 -12.76
N ALA A 360 -19.76 -25.15 -11.59
CA ALA A 360 -20.87 -25.69 -10.81
C ALA A 360 -21.98 -24.65 -10.75
N THR A 361 -23.22 -25.13 -10.61
CA THR A 361 -24.36 -24.24 -10.41
C THR A 361 -24.21 -23.46 -9.12
N GLN A 362 -24.52 -22.16 -9.17
CA GLN A 362 -24.43 -21.32 -7.98
C GLN A 362 -25.45 -21.74 -6.94
N ASN A 363 -25.13 -21.49 -5.67
CA ASN A 363 -26.09 -21.66 -4.59
C ASN A 363 -26.60 -20.29 -4.14
N THR A 364 -27.79 -19.95 -4.63
CA THR A 364 -28.44 -18.67 -4.33
C THR A 364 -28.66 -18.47 -2.85
N GLU A 365 -29.12 -19.52 -2.16
CA GLU A 365 -29.33 -19.44 -0.72
C GLU A 365 -28.05 -19.01 0.01
N HIS A 366 -26.92 -19.61 -0.34
CA HIS A 366 -25.62 -19.24 0.28
C HIS A 366 -25.29 -17.78 0.00
N LEU A 367 -25.40 -17.39 -1.26
CA LEU A 367 -25.07 -16.01 -1.67
C LEU A 367 -26.01 -14.99 -1.02
N ASP A 368 -27.30 -15.32 -0.93
CA ASP A 368 -28.27 -14.44 -0.25
C ASP A 368 -27.94 -14.30 1.23
N ALA A 369 -27.62 -15.43 1.88
CA ALA A 369 -27.34 -15.45 3.31
C ALA A 369 -26.14 -14.60 3.72
N VAL A 370 -25.04 -14.69 2.97
CA VAL A 370 -23.84 -13.91 3.31
C VAL A 370 -24.10 -12.41 3.10
N PHE A 371 -24.81 -12.07 2.02
CA PHE A 371 -25.13 -10.67 1.72
C PHE A 371 -26.05 -10.07 2.77
N GLN A 372 -27.04 -10.84 3.23
CA GLN A 372 -27.89 -10.40 4.33
C GLN A 372 -27.10 -10.18 5.61
N ARG A 373 -26.21 -11.12 5.94
CA ARG A 373 -25.35 -10.99 7.12
C ARG A 373 -24.50 -9.71 7.01
N MET A 374 -24.07 -9.41 5.80
CA MET A 374 -23.29 -8.21 5.50
C MET A 374 -24.12 -6.92 5.68
N LYS A 375 -25.39 -6.96 5.31
CA LYS A 375 -26.29 -5.81 5.47
C LYS A 375 -26.62 -5.52 6.95
N THR A 376 -26.79 -6.57 7.73
CA THR A 376 -27.04 -6.45 9.17
C THR A 376 -25.83 -5.85 9.88
N GLU A 377 -24.65 -6.39 9.59
CA GLU A 377 -23.40 -5.93 10.23
C GLU A 377 -22.98 -4.53 9.77
N PHE A 378 -23.26 -4.20 8.50
CA PHE A 378 -22.90 -2.92 7.90
C PHE A 378 -24.10 -2.33 7.14
N PRO A 379 -25.03 -1.68 7.86
CA PRO A 379 -26.25 -1.11 7.30
C PRO A 379 -26.11 -0.26 6.01
N VAL A 380 -24.96 0.35 5.74
CA VAL A 380 -24.81 1.07 4.47
C VAL A 380 -25.09 0.17 3.26
N PHE A 381 -24.81 -1.12 3.39
CA PHE A 381 -25.05 -2.09 2.30
C PHE A 381 -26.52 -2.43 2.08
N GLU A 382 -27.42 -1.89 2.90
CA GLU A 382 -28.86 -1.94 2.63
C GLU A 382 -29.20 -1.36 1.25
N LYS A 383 -28.44 -0.35 0.82
CA LYS A 383 -28.66 0.25 -0.50
C LYS A 383 -27.79 -0.34 -1.62
N SER A 384 -27.01 -1.37 -1.30
CA SER A 384 -26.22 -2.09 -2.30
C SER A 384 -27.10 -3.12 -3.00
N GLN A 385 -26.86 -3.36 -4.28
CA GLN A 385 -27.55 -4.46 -4.98
C GLN A 385 -26.56 -5.43 -5.64
N ILE A 386 -27.10 -6.58 -6.02
CA ILE A 386 -26.32 -7.65 -6.60
C ILE A 386 -25.95 -7.27 -8.03
N VAL A 387 -24.66 -7.31 -8.32
CA VAL A 387 -24.13 -6.98 -9.65
C VAL A 387 -23.92 -8.25 -10.49
N GLU A 388 -23.39 -9.29 -9.87
CA GLU A 388 -23.07 -10.52 -10.58
C GLU A 388 -23.01 -11.69 -9.62
N ARG A 389 -23.36 -12.88 -10.11
CA ARG A 389 -23.30 -14.12 -9.33
C ARG A 389 -22.87 -15.27 -10.23
N TRP A 390 -22.09 -16.20 -9.67
CA TRP A 390 -21.57 -17.32 -10.42
C TRP A 390 -21.16 -18.46 -9.49
N GLY A 391 -21.02 -19.65 -10.08
CA GLY A 391 -20.49 -20.82 -9.38
C GLY A 391 -19.09 -21.15 -9.85
N ALA A 392 -18.45 -22.10 -9.17
CA ALA A 392 -17.10 -22.55 -9.53
C ALA A 392 -16.77 -23.90 -8.91
N VAL A 393 -15.77 -24.57 -9.47
CA VAL A 393 -15.26 -25.85 -8.94
C VAL A 393 -13.77 -25.73 -8.64
N VAL A 394 -13.36 -26.19 -7.45
CA VAL A 394 -11.93 -26.36 -7.10
C VAL A 394 -11.65 -27.82 -6.83
N SER A 395 -10.37 -28.18 -6.79
CA SER A 395 -9.99 -29.58 -6.60
C SER A 395 -8.69 -29.73 -5.82
N PRO A 396 -8.75 -29.52 -4.50
CA PRO A 396 -7.54 -29.63 -3.67
C PRO A 396 -7.08 -31.07 -3.45
N THR A 397 -5.82 -31.21 -3.02
CA THR A 397 -5.32 -32.44 -2.42
C THR A 397 -5.88 -32.55 -1.01
N PHE A 398 -5.57 -33.64 -0.32
CA PHE A 398 -6.05 -33.87 1.05
C PHE A 398 -5.14 -33.32 2.14
N ASP A 399 -3.95 -32.86 1.77
CA ASP A 399 -2.93 -32.49 2.77
C ASP A 399 -2.57 -31.00 2.79
N GLU A 400 -3.44 -30.16 2.23
CA GLU A 400 -3.26 -28.70 2.19
C GLU A 400 -1.97 -28.24 1.48
N LEU A 401 -1.50 -29.04 0.53
CA LEU A 401 -0.28 -28.73 -0.22
C LEU A 401 -0.58 -28.87 -1.71
N PRO A 402 0.04 -28.01 -2.55
CA PRO A 402 -0.18 -28.18 -3.98
C PRO A 402 0.63 -29.32 -4.55
N ILE A 403 0.38 -29.63 -5.81
CA ILE A 403 1.20 -30.55 -6.55
C ILE A 403 2.01 -29.73 -7.54
N ILE A 404 3.28 -29.53 -7.22
CA ILE A 404 4.24 -28.90 -8.13
C ILE A 404 5.42 -29.85 -8.19
N SER A 405 5.46 -30.67 -9.24
CA SER A 405 6.30 -31.86 -9.21
C SER A 405 6.61 -32.38 -10.60
N GLU A 406 7.80 -32.95 -10.75
CA GLU A 406 8.09 -33.77 -11.90
C GLU A 406 7.31 -35.08 -11.76
N VAL A 407 7.06 -35.74 -12.88
CA VAL A 407 6.43 -37.04 -12.90
C VAL A 407 7.48 -38.07 -13.33
N LYS A 408 8.05 -38.76 -12.35
CA LYS A 408 9.14 -39.73 -12.59
C LYS A 408 8.83 -40.72 -13.70
N GLU A 409 7.58 -41.17 -13.76
CA GLU A 409 7.14 -42.15 -14.76
C GLU A 409 7.26 -41.65 -16.21
N TYR A 410 7.22 -40.34 -16.39
CA TYR A 410 7.19 -39.74 -17.72
C TYR A 410 8.17 -38.57 -17.83
N PRO A 411 9.48 -38.88 -17.95
CA PRO A 411 10.50 -37.83 -18.03
C PRO A 411 10.13 -36.76 -19.06
N GLY A 412 10.21 -35.51 -18.64
CA GLY A 412 9.74 -34.40 -19.46
C GLY A 412 8.44 -33.79 -18.96
N LEU A 413 7.66 -34.57 -18.20
CA LEU A 413 6.39 -34.11 -17.69
C LEU A 413 6.53 -33.46 -16.32
N VAL A 414 5.91 -32.29 -16.15
CA VAL A 414 5.88 -31.59 -14.87
C VAL A 414 4.44 -31.15 -14.61
N ILE A 415 3.98 -31.30 -13.37
CA ILE A 415 2.62 -30.94 -12.98
C ILE A 415 2.63 -29.72 -12.06
N ASN A 416 1.68 -28.82 -12.29
CA ASN A 416 1.49 -27.64 -11.46
C ASN A 416 0.00 -27.43 -11.28
N THR A 417 -0.57 -28.02 -10.23
CA THR A 417 -2.03 -28.04 -10.08
C THR A 417 -2.43 -28.26 -8.63
N ALA A 418 -3.72 -28.46 -8.41
CA ALA A 418 -4.27 -28.88 -7.12
C ALA A 418 -4.01 -27.89 -5.98
N THR A 419 -4.32 -26.62 -6.22
CA THR A 419 -4.26 -25.62 -5.16
C THR A 419 -5.56 -24.86 -5.06
N VAL A 420 -5.92 -24.46 -3.86
CA VAL A 420 -7.03 -23.55 -3.63
C VAL A 420 -6.54 -22.13 -3.31
N TRP A 421 -5.23 -21.90 -3.50
CA TRP A 421 -4.62 -20.58 -3.31
C TRP A 421 -3.78 -20.17 -4.52
N GLY A 422 -4.23 -20.56 -5.71
CA GLY A 422 -3.48 -20.34 -6.94
C GLY A 422 -3.36 -18.91 -7.43
N MET A 423 -4.31 -18.04 -7.06
CA MET A 423 -4.19 -16.64 -7.43
C MET A 423 -2.98 -16.03 -6.73
N THR A 424 -2.81 -16.38 -5.46
CA THR A 424 -1.69 -15.93 -4.65
C THR A 424 -0.40 -16.61 -5.04
N GLU A 425 -0.46 -17.94 -5.20
CA GLU A 425 0.71 -18.76 -5.44
C GLU A 425 1.20 -18.71 -6.90
N GLY A 426 0.29 -18.44 -7.82
CA GLY A 426 0.56 -18.49 -9.26
C GLY A 426 1.93 -17.99 -9.72
N PRO A 427 2.26 -16.73 -9.41
CA PRO A 427 3.56 -16.20 -9.83
C PRO A 427 4.76 -16.97 -9.27
N ALA A 428 4.68 -17.34 -7.99
CA ALA A 428 5.77 -18.08 -7.34
C ALA A 428 5.81 -19.51 -7.88
N ALA A 429 4.66 -20.15 -7.98
CA ALA A 429 4.57 -21.53 -8.48
C ALA A 429 4.99 -21.63 -9.95
N GLY A 430 4.70 -20.58 -10.72
CA GLY A 430 5.12 -20.53 -12.11
C GLY A 430 6.63 -20.55 -12.25
N GLU A 431 7.32 -19.79 -11.42
CA GLU A 431 8.79 -19.77 -11.41
C GLU A 431 9.36 -21.12 -10.94
N VAL A 432 8.80 -21.69 -9.87
CA VAL A 432 9.26 -23.01 -9.39
C VAL A 432 9.12 -24.05 -10.50
N THR A 433 7.95 -24.08 -11.14
CA THR A 433 7.68 -25.03 -12.22
C THR A 433 8.66 -24.86 -13.37
N ALA A 434 8.93 -23.61 -13.77
CA ALA A 434 9.92 -23.33 -14.80
C ALA A 434 11.30 -23.87 -14.39
N ASP A 435 11.64 -23.70 -13.10
CA ASP A 435 12.91 -24.20 -12.57
C ASP A 435 12.98 -25.73 -12.69
N ILE A 436 11.90 -26.41 -12.34
CA ILE A 436 11.85 -27.87 -12.48
C ILE A 436 12.00 -28.28 -13.95
N VAL A 437 11.28 -27.61 -14.85
CA VAL A 437 11.38 -27.90 -16.28
C VAL A 437 12.82 -27.74 -16.78
N THR A 438 13.48 -26.65 -16.39
CA THR A 438 14.80 -26.32 -16.94
C THR A 438 15.96 -26.97 -16.18
N GLY A 439 15.68 -27.61 -15.05
CA GLY A 439 16.71 -28.20 -14.23
C GLY A 439 17.50 -27.22 -13.38
N LYS A 440 16.97 -26.01 -13.21
CA LYS A 440 17.57 -25.03 -12.33
C LYS A 440 17.20 -25.35 -10.88
N LYS A 441 18.08 -25.02 -9.95
CA LYS A 441 17.76 -25.10 -8.52
C LYS A 441 16.61 -24.15 -8.19
N PRO A 442 15.43 -24.70 -7.84
CA PRO A 442 14.25 -23.86 -7.71
C PRO A 442 14.36 -22.71 -6.71
N VAL A 443 13.71 -21.60 -7.02
CA VAL A 443 13.67 -20.42 -6.14
C VAL A 443 13.13 -20.78 -4.75
N ILE A 444 12.20 -21.73 -4.70
CA ILE A 444 11.69 -22.29 -3.44
C ILE A 444 11.77 -23.81 -3.57
N ASP A 445 12.31 -24.46 -2.54
CA ASP A 445 12.48 -25.92 -2.53
C ASP A 445 11.12 -26.60 -2.75
N PRO A 446 10.98 -27.41 -3.82
CA PRO A 446 9.69 -28.01 -4.13
C PRO A 446 9.45 -29.40 -3.53
N THR A 447 10.35 -29.87 -2.67
CA THR A 447 10.23 -31.19 -2.03
C THR A 447 8.83 -31.42 -1.44
N PRO A 448 8.32 -30.48 -0.62
CA PRO A 448 7.01 -30.68 0.01
C PRO A 448 5.84 -30.80 -0.98
N PHE A 449 6.04 -30.37 -2.22
CA PHE A 449 5.00 -30.38 -3.24
C PHE A 449 5.16 -31.54 -4.21
N SER A 450 6.15 -32.40 -3.97
CA SER A 450 6.45 -33.54 -4.83
C SER A 450 5.34 -34.59 -4.79
N LEU A 451 5.19 -35.31 -5.89
CA LEU A 451 4.32 -36.49 -5.94
C LEU A 451 4.86 -37.65 -5.10
N ASP A 452 6.14 -37.59 -4.73
CA ASP A 452 6.76 -38.61 -3.89
C ASP A 452 6.06 -38.81 -2.54
N ARG A 453 5.43 -37.76 -2.03
CA ARG A 453 4.72 -37.83 -0.74
C ARG A 453 3.50 -38.75 -0.75
N PHE A 454 3.04 -39.17 -1.92
CA PHE A 454 1.86 -40.03 -2.04
C PHE A 454 2.18 -41.50 -2.26
N LYS A 455 3.47 -41.82 -2.41
CA LYS A 455 3.91 -43.21 -2.64
C LYS A 455 4.04 -43.99 -1.32
N LYS A 456 3.92 -45.31 -1.42
CA LYS A 456 3.98 -46.22 -0.27
C LYS A 456 2.88 -45.93 0.74
N MET B 10 -0.60 45.22 -9.84
CA MET B 10 -1.28 45.29 -8.50
C MET B 10 -0.59 44.41 -7.46
N VAL B 11 -0.02 45.04 -6.45
CA VAL B 11 0.47 44.33 -5.26
C VAL B 11 -0.68 44.27 -4.26
N ARG B 12 -0.90 43.09 -3.69
CA ARG B 12 -2.00 42.85 -2.76
C ARG B 12 -1.85 43.60 -1.44
N ARG B 13 -2.97 43.75 -0.75
CA ARG B 13 -3.02 44.39 0.56
C ARG B 13 -3.43 43.40 1.65
N ASP B 14 -3.85 42.20 1.26
CA ASP B 14 -4.68 41.37 2.14
C ASP B 14 -4.00 40.20 2.88
N GLY B 15 -2.83 39.74 2.44
CA GLY B 15 -2.12 38.68 3.15
C GLY B 15 -1.62 39.20 4.49
N LYS B 16 -2.11 38.64 5.59
CA LYS B 16 -1.75 39.14 6.92
C LYS B 16 -1.40 38.05 7.93
N PHE B 17 -0.34 38.31 8.70
CA PHE B 17 0.09 37.50 9.84
C PHE B 17 -0.85 37.76 11.01
N VAL B 18 -1.49 36.71 11.54
CA VAL B 18 -2.48 36.86 12.62
C VAL B 18 -2.37 35.78 13.70
N GLU B 19 -2.83 36.11 14.89
CA GLU B 19 -2.98 35.12 15.95
C GLU B 19 -4.23 34.29 15.63
N SER B 20 -4.19 32.99 15.91
CA SER B 20 -5.28 32.10 15.54
C SER B 20 -5.47 30.98 16.58
N LYS B 21 -6.02 29.86 16.15
CA LYS B 21 -6.20 28.67 16.99
C LYS B 21 -5.73 27.44 16.22
N SER B 22 -5.47 26.36 16.94
CA SER B 22 -5.11 25.10 16.31
C SER B 22 -6.27 24.53 15.48
N ARG B 23 -5.96 23.95 14.32
CA ARG B 23 -6.94 23.18 13.55
C ARG B 23 -6.76 21.67 13.78
N ALA B 24 -5.81 21.30 14.65
CA ALA B 24 -5.49 19.90 14.90
C ALA B 24 -6.12 19.41 16.19
N LEU B 25 -6.11 18.10 16.40
CA LEU B 25 -6.63 17.51 17.62
C LEU B 25 -5.98 18.08 18.87
N PHE B 26 -6.79 18.33 19.88
CA PHE B 26 -6.35 18.86 21.17
C PHE B 26 -5.46 17.86 21.90
N VAL B 27 -4.34 18.33 22.41
CA VAL B 27 -3.50 17.53 23.31
C VAL B 27 -3.42 18.24 24.65
N GLU B 28 -3.89 17.56 25.70
CA GLU B 28 -3.88 18.12 27.04
C GLU B 28 -2.44 18.21 27.55
N SER B 29 -2.16 19.31 28.23
CA SER B 29 -0.88 19.54 28.87
C SER B 29 -0.62 18.48 29.94
N THR B 30 0.64 18.10 30.08
CA THR B 30 1.08 17.32 31.23
C THR B 30 0.65 18.09 32.48
N GLU B 31 0.31 17.33 33.51
CA GLU B 31 -0.36 17.87 34.69
C GLU B 31 0.64 18.42 35.71
N GLY B 32 0.42 19.66 36.16
CA GLY B 32 1.13 20.21 37.30
C GLY B 32 2.08 21.34 36.98
N ALA B 33 3.00 21.59 37.90
CA ALA B 33 4.02 22.62 37.73
C ALA B 33 5.13 22.08 36.84
N LEU B 34 5.92 22.98 36.26
CA LEU B 34 7.10 22.58 35.50
C LEU B 34 8.07 21.80 36.39
N PRO B 35 8.81 20.85 35.81
CA PRO B 35 9.82 20.13 36.58
C PRO B 35 11.01 21.02 36.91
N SER B 36 11.74 20.69 37.97
CA SER B 36 12.90 21.49 38.36
C SER B 36 14.07 21.25 37.40
N GLU B 37 14.11 20.05 36.81
CA GLU B 37 15.17 19.68 35.89
C GLU B 37 14.70 18.65 34.86
N SER B 38 15.49 18.49 33.81
CA SER B 38 15.25 17.48 32.79
C SER B 38 16.56 17.21 32.06
N ASP B 39 16.78 15.96 31.65
CA ASP B 39 17.96 15.62 30.83
C ASP B 39 17.98 16.44 29.55
N VAL B 40 16.83 16.59 28.90
CA VAL B 40 16.72 17.41 27.69
C VAL B 40 15.45 18.23 27.74
N VAL B 41 15.55 19.49 27.34
CA VAL B 41 14.38 20.34 27.14
C VAL B 41 14.24 20.66 25.65
N ILE B 42 13.01 20.56 25.15
CA ILE B 42 12.71 20.81 23.75
C ILE B 42 11.77 21.99 23.64
N ILE B 43 12.12 22.94 22.78
CA ILE B 43 11.30 24.11 22.51
C ILE B 43 10.46 23.88 21.26
N GLY B 44 9.16 23.66 21.45
CA GLY B 44 8.22 23.52 20.34
C GLY B 44 7.56 22.15 20.29
N GLY B 45 6.24 22.15 20.12
CA GLY B 45 5.47 20.92 20.03
C GLY B 45 4.87 20.68 18.65
N GLY B 46 5.66 20.91 17.61
CA GLY B 46 5.34 20.43 16.26
C GLY B 46 5.95 19.05 16.03
N ILE B 47 5.92 18.57 14.79
CA ILE B 47 6.41 17.23 14.47
C ILE B 47 7.90 17.05 14.79
N GLN B 48 8.71 18.10 14.61
CA GLN B 48 10.14 18.01 14.88
C GLN B 48 10.44 17.85 16.37
N GLY B 49 9.81 18.65 17.22
CA GLY B 49 9.99 18.54 18.67
C GLY B 49 9.53 17.19 19.19
N ILE B 50 8.36 16.76 18.71
CA ILE B 50 7.76 15.50 19.18
C ILE B 50 8.58 14.28 18.75
N MET B 51 8.99 14.23 17.49
CA MET B 51 9.78 13.09 17.01
C MET B 51 11.16 13.04 17.69
N THR B 52 11.76 14.21 17.91
CA THR B 52 13.01 14.30 18.66
C THR B 52 12.83 13.77 20.08
N ALA B 53 11.76 14.23 20.74
CA ALA B 53 11.43 13.79 22.11
C ALA B 53 11.25 12.28 22.20
N ILE B 54 10.54 11.71 21.23
CA ILE B 54 10.29 10.26 21.21
C ILE B 54 11.59 9.46 21.15
N ASN B 55 12.47 9.83 20.23
CA ASN B 55 13.79 9.19 20.12
C ASN B 55 14.63 9.30 21.40
N LEU B 56 14.61 10.46 22.05
CA LEU B 56 15.39 10.66 23.27
C LEU B 56 14.81 9.91 24.47
N ALA B 57 13.48 9.87 24.56
CA ALA B 57 12.80 9.12 25.63
C ALA B 57 13.01 7.61 25.48
N GLU B 58 12.98 7.12 24.24
CA GLU B 58 13.24 5.71 23.98
C GLU B 58 14.68 5.28 24.27
N ARG B 59 15.59 6.24 24.38
CA ARG B 59 16.97 5.98 24.79
C ARG B 59 17.18 6.16 26.29
N GLY B 60 16.11 6.43 27.04
CA GLY B 60 16.15 6.46 28.50
C GLY B 60 16.35 7.83 29.15
N MET B 61 16.31 8.90 28.37
CA MET B 61 16.45 10.25 28.95
C MET B 61 15.12 10.89 29.31
N SER B 62 15.12 11.71 30.36
CA SER B 62 13.94 12.50 30.67
C SER B 62 13.85 13.68 29.71
N VAL B 63 12.66 13.91 29.16
CA VAL B 63 12.43 14.94 28.17
C VAL B 63 11.19 15.75 28.54
N THR B 64 11.34 17.07 28.51
CA THR B 64 10.22 17.98 28.64
C THR B 64 10.12 18.84 27.39
N ILE B 65 8.93 18.87 26.79
CA ILE B 65 8.62 19.78 25.69
C ILE B 65 7.81 20.96 26.21
N LEU B 66 8.17 22.16 25.74
CA LEU B 66 7.44 23.38 26.03
C LEU B 66 6.85 23.94 24.75
N GLU B 67 5.56 24.23 24.79
CA GLU B 67 4.82 24.70 23.63
C GLU B 67 4.04 25.95 24.01
N LYS B 68 4.30 27.05 23.31
CA LYS B 68 3.73 28.36 23.62
C LYS B 68 2.21 28.43 23.38
N GLY B 69 1.71 27.60 22.47
CA GLY B 69 0.30 27.53 22.12
C GLY B 69 -0.22 26.12 22.31
N GLU B 70 -0.57 25.44 21.21
CA GLU B 70 -1.04 24.05 21.24
C GLU B 70 -0.11 23.16 20.42
N VAL B 71 -0.14 21.87 20.72
CA VAL B 71 0.56 20.86 19.90
C VAL B 71 0.01 20.92 18.46
N ALA B 72 0.92 21.01 17.50
CA ALA B 72 0.56 21.12 16.07
C ALA B 72 -0.32 22.33 15.74
N GLY B 73 -0.20 23.40 16.52
CA GLY B 73 -0.99 24.62 16.28
C GLY B 73 -0.55 25.39 15.03
N GLU B 74 0.72 25.27 14.66
CA GLU B 74 1.25 25.99 13.51
C GLU B 74 1.49 24.96 12.36
N GLN B 75 2.58 25.13 11.60
CA GLN B 75 2.84 24.33 10.39
C GLN B 75 2.44 22.85 10.41
N SER B 76 2.76 22.16 11.51
CA SER B 76 2.55 20.71 11.58
C SER B 76 1.07 20.33 11.55
N GLY B 77 0.20 21.25 11.96
CA GLY B 77 -1.24 21.03 11.88
C GLY B 77 -1.88 21.52 10.60
N ARG B 78 -1.08 22.14 9.73
CA ARG B 78 -1.60 22.89 8.58
C ARG B 78 -1.06 22.43 7.21
N ALA B 79 -0.17 21.45 7.21
CA ALA B 79 0.49 21.00 5.99
C ALA B 79 -0.46 20.32 4.97
N TYR B 80 -0.13 20.45 3.68
CA TYR B 80 -0.74 19.65 2.62
C TYR B 80 -0.46 18.18 2.93
N SER B 81 0.79 17.91 3.32
CA SER B 81 1.18 16.69 4.04
C SER B 81 1.32 15.43 3.17
N GLN B 82 1.93 15.59 1.99
CA GLN B 82 2.34 14.43 1.19
C GLN B 82 3.73 13.98 1.65
N ILE B 83 3.89 12.68 1.84
CA ILE B 83 5.12 12.09 2.35
C ILE B 83 5.87 11.42 1.20
N ILE B 84 6.84 12.14 0.63
CA ILE B 84 7.47 11.73 -0.64
C ILE B 84 8.98 11.94 -0.68
N SER B 85 9.64 11.17 -1.56
CA SER B 85 11.07 11.35 -1.83
C SER B 85 11.36 11.84 -3.25
N TYR B 86 10.33 11.94 -4.08
CA TYR B 86 10.52 12.24 -5.51
C TYR B 86 11.27 13.56 -5.74
N GLN B 87 12.30 13.50 -6.59
CA GLN B 87 13.12 14.65 -7.00
C GLN B 87 13.91 15.32 -5.86
N THR B 88 14.20 14.58 -4.79
CA THR B 88 15.01 15.12 -3.70
C THR B 88 16.50 15.12 -4.07
N SER B 89 17.24 16.08 -3.53
CA SER B 89 18.67 16.17 -3.75
C SER B 89 19.36 15.00 -3.04
N PRO B 90 20.60 14.68 -3.44
CA PRO B 90 21.32 13.59 -2.78
C PRO B 90 21.45 13.79 -1.26
N GLU B 91 21.58 15.04 -0.82
CA GLU B 91 21.72 15.36 0.60
C GLU B 91 20.42 15.11 1.37
N ILE B 92 19.31 15.39 0.72
CA ILE B 92 17.98 15.33 1.32
C ILE B 92 17.30 13.96 1.16
N PHE B 93 17.59 13.30 0.04
CA PHE B 93 16.96 12.01 -0.28
C PHE B 93 16.93 11.00 0.89
N PRO B 94 18.06 10.76 1.56
CA PRO B 94 18.00 9.79 2.67
C PRO B 94 17.02 10.19 3.79
N LEU B 95 16.95 11.48 4.07
CA LEU B 95 16.00 12.00 5.06
C LEU B 95 14.53 11.62 4.70
N HIS B 96 14.19 11.75 3.42
CA HIS B 96 12.85 11.43 2.95
C HIS B 96 12.62 9.92 2.82
N HIS B 97 13.60 9.23 2.25
CA HIS B 97 13.55 7.79 2.07
C HIS B 97 13.41 7.07 3.41
N TYR B 98 14.25 7.44 4.37
CA TYR B 98 14.18 6.90 5.73
C TYR B 98 12.95 7.39 6.49
N GLY B 99 12.55 8.65 6.27
CA GLY B 99 11.31 9.16 6.84
C GLY B 99 10.12 8.29 6.50
N LYS B 100 10.04 7.89 5.24
CA LYS B 100 8.96 7.02 4.75
C LYS B 100 9.03 5.63 5.41
N ILE B 101 10.24 5.09 5.53
CA ILE B 101 10.42 3.79 6.20
C ILE B 101 9.85 3.87 7.62
N LEU B 102 10.21 4.93 8.34
CA LEU B 102 9.76 5.08 9.73
C LEU B 102 8.26 5.31 9.82
N TRP B 103 7.71 6.10 8.90
CA TRP B 103 6.27 6.32 8.88
C TRP B 103 5.52 5.00 8.64
N ARG B 104 6.07 4.13 7.79
CA ARG B 104 5.40 2.86 7.49
C ARG B 104 5.30 1.94 8.70
N GLY B 105 6.22 2.11 9.66
CA GLY B 105 6.17 1.34 10.92
C GLY B 105 5.56 2.06 12.10
N MET B 106 5.11 3.30 11.90
CA MET B 106 4.72 4.17 13.02
C MET B 106 3.46 3.70 13.74
N ASN B 107 2.43 3.34 13.00
CA ASN B 107 1.17 2.93 13.63
C ASN B 107 1.36 1.67 14.48
N GLU B 108 2.15 0.73 13.99
CA GLU B 108 2.52 -0.46 14.77
C GLU B 108 3.34 -0.09 16.01
N LYS B 109 4.33 0.78 15.82
CA LYS B 109 5.21 1.22 16.91
C LYS B 109 4.43 1.81 18.07
N ILE B 110 3.47 2.69 17.78
CA ILE B 110 2.77 3.41 18.84
C ILE B 110 1.44 2.78 19.26
N GLY B 111 1.03 1.72 18.58
CA GLY B 111 -0.24 1.04 18.91
C GLY B 111 -1.47 1.89 18.69
N ALA B 112 -1.44 2.75 17.67
CA ALA B 112 -2.57 3.62 17.37
C ALA B 112 -2.47 4.09 15.92
N ASP B 113 -3.49 4.79 15.44
CA ASP B 113 -3.52 5.23 14.05
C ASP B 113 -3.20 6.72 13.92
N THR B 114 -2.03 7.02 13.38
CA THR B 114 -1.62 8.40 13.11
C THR B 114 -2.38 9.03 11.92
N SER B 115 -3.06 8.16 11.17
CA SER B 115 -3.62 8.45 9.84
C SER B 115 -2.63 8.20 8.68
N TYR B 116 -1.39 7.81 8.99
CA TYR B 116 -0.44 7.50 7.91
C TYR B 116 -0.97 6.35 7.06
N ARG B 117 -0.90 6.54 5.75
CA ARG B 117 -1.30 5.56 4.76
C ARG B 117 -0.29 5.57 3.63
N THR B 118 0.03 4.40 3.10
CA THR B 118 0.80 4.28 1.88
C THR B 118 -0.21 4.25 0.73
N GLN B 119 -0.13 5.22 -0.18
CA GLN B 119 -1.19 5.41 -1.19
C GLN B 119 -0.73 5.52 -2.64
N GLY B 120 0.50 5.97 -2.87
CA GLY B 120 1.00 6.16 -4.24
C GLY B 120 0.70 7.55 -4.78
N ARG B 121 1.59 8.04 -5.63
CA ARG B 121 1.51 9.39 -6.16
C ARG B 121 1.84 9.45 -7.65
N VAL B 122 0.91 9.98 -8.43
CA VAL B 122 1.08 10.10 -9.87
C VAL B 122 1.33 11.56 -10.23
N GLU B 123 2.55 11.86 -10.68
CA GLU B 123 2.86 13.18 -11.22
C GLU B 123 2.93 13.10 -12.74
N ALA B 124 1.92 13.65 -13.41
CA ALA B 124 1.96 13.76 -14.86
C ALA B 124 3.09 14.71 -15.28
N LEU B 125 3.78 14.35 -16.36
CA LEU B 125 4.94 15.10 -16.83
C LEU B 125 4.57 15.86 -18.11
N ALA B 126 4.92 17.14 -18.16
CA ALA B 126 4.42 18.01 -19.23
C ALA B 126 5.06 17.79 -20.60
N ASP B 127 6.37 17.54 -20.63
CA ASP B 127 7.12 17.47 -21.88
C ASP B 127 8.39 16.62 -21.75
N GLU B 128 9.24 16.64 -22.78
CA GLU B 128 10.42 15.79 -22.85
C GLU B 128 11.46 16.15 -21.81
N LYS B 129 11.64 17.45 -21.59
CA LYS B 129 12.55 17.93 -20.56
C LYS B 129 12.12 17.41 -19.19
N ALA B 130 10.81 17.40 -18.92
CA ALA B 130 10.28 16.87 -17.66
C ALA B 130 10.51 15.36 -17.53
N LEU B 131 10.22 14.62 -18.61
CA LEU B 131 10.46 13.18 -18.64
C LEU B 131 11.93 12.83 -18.46
N ASP B 132 12.81 13.53 -19.20
CA ASP B 132 14.25 13.33 -19.07
C ASP B 132 14.71 13.52 -17.62
N ARG B 133 14.25 14.61 -17.01
CA ARG B 133 14.63 14.95 -15.64
C ARG B 133 14.11 13.89 -14.66
N ALA B 134 12.90 13.41 -14.90
CA ALA B 134 12.31 12.33 -14.10
C ALA B 134 13.11 11.05 -14.25
N GLN B 135 13.44 10.68 -15.48
CA GLN B 135 14.19 9.45 -15.75
C GLN B 135 15.59 9.47 -15.13
N GLU B 136 16.29 10.58 -15.23
CA GLU B 136 17.64 10.68 -14.67
C GLU B 136 17.65 10.69 -13.14
N TRP B 137 16.65 11.32 -12.52
CA TRP B 137 16.50 11.26 -11.06
C TRP B 137 16.22 9.84 -10.57
N ILE B 138 15.27 9.16 -11.20
CA ILE B 138 14.94 7.78 -10.83
C ILE B 138 16.15 6.85 -10.96
N LYS B 139 16.91 6.99 -12.03
CA LYS B 139 18.10 6.18 -12.26
C LYS B 139 19.12 6.34 -11.10
N THR B 140 19.46 7.57 -10.77
CA THR B 140 20.42 7.84 -9.69
C THR B 140 19.88 7.49 -8.32
N ALA B 141 18.58 7.71 -8.10
CA ALA B 141 17.96 7.40 -6.81
C ALA B 141 17.86 5.90 -6.59
N LYS B 142 17.64 5.15 -7.68
CA LYS B 142 17.67 3.69 -7.61
C LYS B 142 19.04 3.19 -7.18
N GLU B 143 20.09 3.77 -7.76
CA GLU B 143 21.46 3.38 -7.45
C GLU B 143 21.84 3.65 -5.98
N THR B 144 21.37 4.78 -5.45
CA THR B 144 21.81 5.26 -4.14
C THR B 144 20.81 5.05 -3.00
N ALA B 145 19.70 4.35 -3.27
CA ALA B 145 18.65 4.16 -2.25
C ALA B 145 19.20 3.42 -1.03
N GLY B 146 18.99 4.00 0.15
CA GLY B 146 19.62 3.50 1.37
C GLY B 146 18.79 2.55 2.20
N PHE B 147 19.38 2.10 3.31
CA PHE B 147 18.70 1.35 4.37
C PHE B 147 18.13 -0.01 3.95
N ASP B 148 18.68 -0.59 2.88
CA ASP B 148 18.24 -1.90 2.34
C ASP B 148 16.77 -1.90 1.90
N VAL B 149 16.27 -0.73 1.53
CA VAL B 149 14.91 -0.59 1.02
C VAL B 149 15.07 0.05 -0.35
N PRO B 150 14.63 -0.65 -1.41
CA PRO B 150 14.81 -0.06 -2.73
C PRO B 150 13.85 1.09 -3.00
N LEU B 151 14.23 1.97 -3.92
CA LEU B 151 13.32 2.99 -4.43
C LEU B 151 12.14 2.28 -5.08
N ASN B 152 10.94 2.80 -4.86
CA ASN B 152 9.73 2.26 -5.47
C ASN B 152 9.03 3.35 -6.29
N THR B 153 9.79 3.91 -7.22
CA THR B 153 9.32 4.98 -8.10
C THR B 153 9.68 4.62 -9.54
N ARG B 154 8.72 4.81 -10.45
CA ARG B 154 8.90 4.43 -11.86
C ARG B 154 8.01 5.27 -12.78
N ILE B 155 8.41 5.35 -14.05
CA ILE B 155 7.60 5.99 -15.08
C ILE B 155 6.45 5.07 -15.46
N ILE B 156 5.26 5.64 -15.60
CA ILE B 156 4.10 4.88 -16.10
C ILE B 156 3.47 5.56 -17.31
N LYS B 157 2.75 4.75 -18.10
CA LYS B 157 2.14 5.18 -19.35
C LYS B 157 0.83 4.45 -19.60
N GLY B 158 0.13 4.89 -20.65
CA GLY B 158 -1.05 4.20 -21.18
C GLY B 158 -2.09 3.75 -20.18
N GLU B 159 -2.24 2.43 -20.05
CA GLU B 159 -3.35 1.79 -19.35
C GLU B 159 -3.36 2.04 -17.85
N GLU B 160 -2.25 1.73 -17.17
CA GLU B 160 -2.15 1.92 -15.72
CA GLU B 160 -2.19 1.92 -15.72
C GLU B 160 -2.23 3.40 -15.34
N LEU B 161 -1.75 4.26 -16.23
CA LEU B 161 -1.81 5.71 -16.02
C LEU B 161 -3.25 6.23 -16.09
N SER B 162 -3.98 5.85 -17.13
CA SER B 162 -5.35 6.33 -17.28
C SER B 162 -6.27 5.78 -16.20
N ASN B 163 -5.96 4.58 -15.70
CA ASN B 163 -6.69 4.00 -14.57
C ASN B 163 -6.42 4.75 -13.26
N ARG B 164 -5.18 5.20 -13.05
CA ARG B 164 -4.87 6.03 -11.89
C ARG B 164 -5.51 7.41 -12.02
N LEU B 165 -5.39 8.02 -13.19
CA LEU B 165 -6.01 9.33 -13.45
C LEU B 165 -7.38 9.17 -14.07
N VAL B 166 -8.21 8.33 -13.46
CA VAL B 166 -9.53 8.02 -13.98
C VAL B 166 -10.39 9.29 -14.12
N GLY B 167 -11.01 9.48 -15.28
CA GLY B 167 -11.90 10.62 -15.52
C GLY B 167 -11.26 11.90 -16.03
N ALA B 168 -9.94 11.90 -16.22
CA ALA B 168 -9.21 13.09 -16.62
C ALA B 168 -9.60 13.59 -18.02
N GLN B 169 -9.70 14.91 -18.18
CA GLN B 169 -10.10 15.51 -19.45
C GLN B 169 -8.91 15.95 -20.31
N THR B 170 -7.71 16.05 -19.71
CA THR B 170 -6.48 16.29 -20.45
C THR B 170 -5.84 14.93 -20.75
N PRO B 171 -5.35 14.73 -21.99
CA PRO B 171 -4.76 13.43 -22.36
C PRO B 171 -3.34 13.24 -21.87
N TRP B 172 -3.16 13.10 -20.56
CA TRP B 172 -1.83 12.83 -19.98
C TRP B 172 -1.34 11.49 -20.47
N THR B 173 -0.08 11.44 -20.88
CA THR B 173 0.49 10.25 -21.53
C THR B 173 1.68 9.64 -20.78
N VAL B 174 2.41 10.43 -20.00
CA VAL B 174 3.49 9.88 -19.17
C VAL B 174 3.53 10.51 -17.78
N ALA B 175 3.88 9.70 -16.78
CA ALA B 175 3.89 10.15 -15.40
C ALA B 175 4.99 9.47 -14.59
N ALA B 176 5.43 10.16 -13.54
CA ALA B 176 6.32 9.57 -12.54
C ALA B 176 5.44 9.08 -11.39
N PHE B 177 5.55 7.79 -11.09
CA PHE B 177 4.70 7.13 -10.11
C PHE B 177 5.53 6.70 -8.90
N GLU B 178 5.45 7.47 -7.82
CA GLU B 178 6.04 7.09 -6.54
C GLU B 178 5.04 6.17 -5.87
N GLU B 179 5.24 4.89 -6.11
CA GLU B 179 4.25 3.87 -5.74
C GLU B 179 4.08 3.74 -4.22
N ASP B 180 5.15 3.98 -3.47
CA ASP B 180 5.07 3.88 -2.01
C ASP B 180 4.95 5.26 -1.32
N SER B 181 4.52 6.29 -2.08
CA SER B 181 4.27 7.61 -1.49
C SER B 181 3.30 7.49 -0.31
N GLY B 182 3.53 8.32 0.71
CA GLY B 182 2.70 8.31 1.91
C GLY B 182 1.82 9.53 2.06
N SER B 183 0.86 9.42 2.98
CA SER B 183 -0.04 10.51 3.34
C SER B 183 -0.26 10.47 4.85
N VAL B 184 -0.23 11.64 5.49
CA VAL B 184 -0.72 11.78 6.86
C VAL B 184 -1.62 13.02 6.96
N ASP B 185 -2.74 12.87 7.67
CA ASP B 185 -3.67 13.96 7.87
C ASP B 185 -3.12 14.77 9.05
N PRO B 186 -2.64 15.99 8.80
CA PRO B 186 -1.94 16.74 9.84
C PRO B 186 -2.78 17.03 11.11
N GLU B 187 -4.08 17.21 10.97
CA GLU B 187 -4.96 17.34 12.14
C GLU B 187 -4.83 16.14 13.10
N THR B 188 -4.48 14.97 12.57
CA THR B 188 -4.41 13.72 13.35
C THR B 188 -2.99 13.31 13.72
N GLY B 189 -2.05 13.46 12.81
CA GLY B 189 -0.73 12.84 12.95
C GLY B 189 0.09 13.30 14.15
N THR B 190 0.51 14.55 14.15
CA THR B 190 1.34 15.05 15.25
C THR B 190 0.69 14.87 16.64
N PRO B 191 -0.61 15.19 16.77
CA PRO B 191 -1.26 15.00 18.09
C PRO B 191 -1.27 13.55 18.60
N THR B 192 -1.50 12.61 17.70
CA THR B 192 -1.42 11.19 18.01
C THR B 192 -0.02 10.80 18.48
N LEU B 193 1.01 11.27 17.79
CA LEU B 193 2.41 11.04 18.20
C LEU B 193 2.73 11.67 19.56
N ALA B 194 2.17 12.84 19.83
CA ALA B 194 2.35 13.49 21.13
C ALA B 194 1.74 12.64 22.24
N ARG B 195 0.56 12.06 21.99
CA ARG B 195 -0.04 11.16 22.98
C ARG B 195 0.92 10.00 23.29
N TYR B 196 1.50 9.40 22.26
CA TYR B 196 2.47 8.33 22.47
C TYR B 196 3.68 8.83 23.29
N ALA B 197 4.19 10.01 22.94
CA ALA B 197 5.32 10.60 23.67
C ALA B 197 5.02 10.69 25.17
N LYS B 198 3.82 11.18 25.50
CA LYS B 198 3.38 11.27 26.90
C LYS B 198 3.24 9.90 27.57
N GLN B 199 2.77 8.91 26.82
CA GLN B 199 2.65 7.55 27.35
C GLN B 199 4.00 6.93 27.73
N ILE B 200 5.05 7.24 26.97
CA ILE B 200 6.41 6.75 27.31
C ILE B 200 7.21 7.69 28.21
N GLY B 201 6.56 8.72 28.80
CA GLY B 201 7.19 9.54 29.84
C GLY B 201 7.62 10.95 29.47
N VAL B 202 7.44 11.37 28.22
CA VAL B 202 7.72 12.76 27.83
C VAL B 202 6.69 13.69 28.47
N LYS B 203 7.17 14.78 29.07
CA LYS B 203 6.30 15.80 29.62
C LYS B 203 6.10 16.91 28.59
N ILE B 204 4.84 17.27 28.34
CA ILE B 204 4.52 18.31 27.37
C ILE B 204 3.69 19.37 28.07
N TYR B 205 4.20 20.59 28.13
CA TYR B 205 3.46 21.70 28.73
C TYR B 205 3.07 22.70 27.66
N THR B 206 1.77 22.83 27.44
CA THR B 206 1.25 23.75 26.43
C THR B 206 0.94 25.09 27.09
N HIS B 207 0.64 26.11 26.28
CA HIS B 207 0.44 27.47 26.77
C HIS B 207 1.63 27.93 27.63
N CYS B 208 2.83 27.53 27.22
CA CYS B 208 4.04 27.82 27.99
C CYS B 208 5.20 28.18 27.06
N ALA B 209 5.42 29.48 26.89
CA ALA B 209 6.46 29.99 26.02
C ALA B 209 7.84 29.97 26.67
N VAL B 210 8.85 29.52 25.92
CA VAL B 210 10.23 29.62 26.35
C VAL B 210 10.76 30.98 25.91
N ARG B 211 11.27 31.76 26.86
CA ARG B 211 11.79 33.10 26.57
C ARG B 211 13.25 33.06 26.14
N GLY B 212 14.03 32.18 26.75
CA GLY B 212 15.45 32.09 26.43
C GLY B 212 16.18 31.05 27.21
N ILE B 213 17.49 31.00 26.96
CA ILE B 213 18.41 30.05 27.59
C ILE B 213 19.45 30.82 28.39
N GLU B 214 19.81 30.30 29.57
CA GLU B 214 20.89 30.85 30.38
C GLU B 214 22.06 29.87 30.42
N THR B 215 23.27 30.40 30.49
CA THR B 215 24.48 29.58 30.54
C THR B 215 25.30 29.86 31.80
N ALA B 216 26.12 28.90 32.18
CA ALA B 216 27.08 29.05 33.26
C ALA B 216 28.40 28.43 32.84
N GLY B 217 29.46 29.22 32.83
CA GLY B 217 30.77 28.78 32.36
C GLY B 217 30.73 28.43 30.88
N GLY B 218 29.88 29.12 30.12
CA GLY B 218 29.71 28.85 28.70
C GLY B 218 28.83 27.64 28.38
N LYS B 219 28.40 26.89 29.40
CA LYS B 219 27.53 25.72 29.22
C LYS B 219 26.09 26.06 29.61
N ILE B 220 25.14 25.42 28.96
CA ILE B 220 23.72 25.63 29.29
C ILE B 220 23.45 25.17 30.72
N SER B 221 22.73 26.00 31.47
CA SER B 221 22.37 25.70 32.85
C SER B 221 20.86 25.57 33.03
N ASP B 222 20.08 26.36 32.29
CA ASP B 222 18.64 26.27 32.32
C ASP B 222 17.96 26.96 31.14
N VAL B 223 16.68 26.67 30.98
CA VAL B 223 15.83 27.42 30.06
C VAL B 223 14.81 28.17 30.91
N VAL B 224 14.49 29.38 30.49
CA VAL B 224 13.57 30.24 31.22
C VAL B 224 12.27 30.38 30.43
N THR B 225 11.17 29.98 31.07
CA THR B 225 9.84 30.08 30.47
C THR B 225 9.03 31.15 31.18
N GLU B 226 7.85 31.43 30.65
CA GLU B 226 6.90 32.36 31.29
C GLU B 226 6.36 31.85 32.63
N LYS B 227 6.49 30.56 32.90
CA LYS B 227 6.04 29.95 34.16
C LYS B 227 7.19 29.32 34.93
N GLY B 228 8.41 29.82 34.75
CA GLY B 228 9.56 29.35 35.50
C GLY B 228 10.70 28.78 34.69
N ALA B 229 11.72 28.31 35.40
CA ALA B 229 12.96 27.83 34.79
C ALA B 229 13.20 26.34 35.06
N ILE B 230 13.76 25.65 34.08
CA ILE B 230 14.08 24.23 34.19
C ILE B 230 15.58 24.04 34.02
N ARG B 231 16.20 23.35 34.99
CA ARG B 231 17.62 23.04 34.94
C ARG B 231 17.90 21.96 33.91
N THR B 232 18.85 22.22 33.02
CA THR B 232 19.26 21.27 32.00
C THR B 232 20.56 21.76 31.38
N SER B 233 21.29 20.86 30.74
CA SER B 233 22.42 21.28 29.91
C SER B 233 22.25 20.88 28.43
N ASN B 234 21.08 20.34 28.07
CA ASN B 234 20.77 19.99 26.69
C ASN B 234 19.42 20.56 26.24
N VAL B 235 19.43 21.29 25.13
CA VAL B 235 18.25 21.98 24.64
C VAL B 235 18.15 21.79 23.12
N VAL B 236 16.95 21.43 22.66
CA VAL B 236 16.64 21.38 21.25
C VAL B 236 15.69 22.53 20.93
N LEU B 237 16.09 23.40 20.01
CA LEU B 237 15.18 24.42 19.48
C LEU B 237 14.49 23.87 18.25
N ALA B 238 13.19 23.63 18.36
CA ALA B 238 12.35 23.16 17.27
C ALA B 238 11.14 24.09 17.18
N GLY B 239 11.42 25.38 17.02
CA GLY B 239 10.40 26.42 17.16
C GLY B 239 9.74 26.86 15.86
N GLY B 240 9.96 26.11 14.79
CA GLY B 240 9.34 26.43 13.50
C GLY B 240 9.72 27.81 12.99
N ILE B 241 8.71 28.59 12.59
CA ILE B 241 8.96 29.93 12.05
C ILE B 241 9.52 30.92 13.08
N TRP B 242 9.48 30.55 14.36
CA TRP B 242 9.94 31.40 15.47
C TRP B 242 11.42 31.19 15.83
N SER B 243 12.06 30.22 15.19
CA SER B 243 13.43 29.84 15.51
C SER B 243 14.43 30.99 15.23
N ARG B 244 14.23 31.71 14.14
CA ARG B 244 15.06 32.88 13.81
C ARG B 244 15.02 33.92 14.91
N LEU B 245 13.82 34.27 15.35
CA LEU B 245 13.64 35.28 16.40
C LEU B 245 14.26 34.85 17.71
N PHE B 246 14.06 33.59 18.09
CA PHE B 246 14.63 33.05 19.32
C PHE B 246 16.17 33.17 19.32
N MET B 247 16.79 32.72 18.24
CA MET B 247 18.25 32.74 18.13
C MET B 247 18.82 34.16 18.01
N GLY B 248 18.04 35.08 17.45
CA GLY B 248 18.46 36.47 17.34
C GLY B 248 18.65 37.12 18.70
N ASN B 249 17.86 36.67 19.68
CA ASN B 249 17.96 37.16 21.05
C ASN B 249 19.22 36.59 21.72
N MET B 250 19.82 35.57 21.11
CA MET B 250 21.07 34.97 21.58
C MET B 250 22.27 35.38 20.72
N GLY B 251 22.04 36.30 19.80
CA GLY B 251 23.10 36.83 18.94
C GLY B 251 23.51 35.92 17.80
N VAL B 252 22.59 35.07 17.34
CA VAL B 252 22.87 34.09 16.28
C VAL B 252 21.85 34.24 15.16
N ASP B 253 22.33 34.32 13.92
CA ASP B 253 21.47 34.57 12.76
C ASP B 253 21.07 33.30 12.00
N LEU B 254 19.76 33.03 11.96
CA LEU B 254 19.20 31.96 11.13
C LEU B 254 18.57 32.59 9.89
N PRO B 255 19.11 32.29 8.70
CA PRO B 255 18.60 32.92 7.48
C PRO B 255 17.34 32.23 6.97
N THR B 256 16.21 32.50 7.62
CA THR B 256 14.92 31.96 7.17
C THR B 256 14.00 33.11 6.81
N LEU B 257 13.17 32.90 5.79
CA LEU B 257 12.22 33.91 5.34
C LEU B 257 10.81 33.34 5.27
N ASN B 258 9.85 34.03 5.90
CA ASN B 258 8.45 33.57 5.93
C ASN B 258 7.78 33.65 4.56
N VAL B 259 6.97 32.64 4.26
CA VAL B 259 6.11 32.61 3.07
C VAL B 259 4.70 32.19 3.52
N TYR B 260 3.67 32.77 2.90
CA TYR B 260 2.28 32.44 3.24
C TYR B 260 1.66 31.51 2.21
N LEU B 261 0.86 30.57 2.70
CA LEU B 261 0.18 29.58 1.87
C LEU B 261 -1.26 29.42 2.34
N SER B 262 -2.12 28.93 1.43
CA SER B 262 -3.50 28.58 1.77
C SER B 262 -3.73 27.11 1.44
N GLN B 263 -4.61 26.47 2.20
CA GLN B 263 -4.94 25.06 2.01
C GLN B 263 -6.43 24.82 2.15
N GLN B 264 -6.92 23.72 1.60
CA GLN B 264 -8.31 23.33 1.82
C GLN B 264 -8.51 21.82 1.78
N ARG B 265 -9.70 21.42 2.21
CA ARG B 265 -10.21 20.07 2.04
C ARG B 265 -11.57 20.13 1.33
N VAL B 266 -11.81 19.18 0.45
CA VAL B 266 -13.10 19.02 -0.22
C VAL B 266 -13.61 17.59 -0.01
N SER B 267 -14.92 17.40 -0.14
CA SER B 267 -15.53 16.10 0.10
C SER B 267 -15.21 15.11 -1.02
N GLY B 268 -15.07 13.85 -0.65
CA GLY B 268 -14.87 12.77 -1.60
C GLY B 268 -16.13 12.51 -2.39
N VAL B 269 -15.97 11.99 -3.60
CA VAL B 269 -17.08 11.61 -4.45
C VAL B 269 -16.77 10.29 -5.14
N PRO B 270 -17.82 9.51 -5.51
CA PRO B 270 -17.57 8.26 -6.23
C PRO B 270 -16.90 8.53 -7.58
N GLY B 271 -15.92 7.70 -7.94
CA GLY B 271 -15.24 7.84 -9.22
C GLY B 271 -14.08 8.82 -9.25
N ALA B 272 -13.76 9.43 -8.12
CA ALA B 272 -12.57 10.30 -8.02
C ALA B 272 -11.31 9.46 -8.07
N PRO B 273 -10.21 10.01 -8.60
CA PRO B 273 -8.95 9.28 -8.51
C PRO B 273 -8.54 9.04 -7.05
N ARG B 274 -7.91 7.89 -6.81
CA ARG B 274 -7.44 7.54 -5.48
C ARG B 274 -6.05 8.09 -5.25
N GLY B 275 -5.72 8.28 -3.97
CA GLY B 275 -4.36 8.64 -3.58
C GLY B 275 -4.00 10.07 -3.93
N ASN B 276 -2.79 10.23 -4.46
CA ASN B 276 -2.15 11.52 -4.59
C ASN B 276 -1.91 11.83 -6.07
N VAL B 277 -2.41 12.97 -6.52
CA VAL B 277 -2.28 13.40 -7.93
C VAL B 277 -1.61 14.77 -8.04
N HIS B 278 -0.65 14.88 -8.95
CA HIS B 278 0.01 16.14 -9.29
C HIS B 278 -0.03 16.31 -10.81
N LEU B 279 -0.74 17.32 -11.29
CA LEU B 279 -0.78 17.63 -12.72
C LEU B 279 -0.11 18.96 -12.97
N PRO B 280 0.59 19.10 -14.10
CA PRO B 280 1.30 20.35 -14.38
C PRO B 280 0.41 21.56 -14.74
N ASN B 281 -0.90 21.36 -14.86
CA ASN B 281 -1.81 22.48 -15.08
C ASN B 281 -2.39 23.01 -13.76
N GLY B 282 -1.62 22.91 -12.69
CA GLY B 282 -1.97 23.51 -11.40
C GLY B 282 -2.94 22.73 -10.54
N ILE B 283 -2.98 21.40 -10.68
CA ILE B 283 -3.90 20.59 -9.89
C ILE B 283 -3.14 19.59 -9.01
N HIS B 284 -3.32 19.71 -7.70
CA HIS B 284 -2.64 18.84 -6.74
C HIS B 284 -3.62 18.47 -5.64
N PHE B 285 -3.90 17.19 -5.48
CA PHE B 285 -4.77 16.73 -4.40
C PHE B 285 -4.32 15.41 -3.81
N ARG B 286 -4.76 15.18 -2.58
CA ARG B 286 -4.34 14.04 -1.78
C ARG B 286 -5.53 13.51 -0.99
N GLU B 287 -5.91 12.26 -1.28
CA GLU B 287 -6.97 11.59 -0.54
C GLU B 287 -6.56 11.38 0.92
N GLN B 288 -7.42 11.79 1.83
CA GLN B 288 -7.17 11.62 3.27
C GLN B 288 -7.72 10.30 3.78
N ALA B 289 -7.28 9.92 4.99
CA ALA B 289 -7.78 8.72 5.64
C ALA B 289 -9.26 8.81 6.00
N ASP B 290 -9.79 10.02 6.14
CA ASP B 290 -11.21 10.18 6.47
C ASP B 290 -12.11 10.27 5.22
N GLY B 291 -11.52 10.18 4.03
CA GLY B 291 -12.29 10.20 2.78
C GLY B 291 -12.38 11.56 2.12
N THR B 292 -12.05 12.63 2.84
CA THR B 292 -11.96 13.95 2.21
C THR B 292 -10.68 14.01 1.36
N TYR B 293 -10.57 15.04 0.55
CA TYR B 293 -9.41 15.29 -0.29
C TYR B 293 -8.78 16.62 0.09
N ALA B 294 -7.49 16.59 0.45
CA ALA B 294 -6.73 17.82 0.64
C ALA B 294 -6.36 18.35 -0.73
N VAL B 295 -6.47 19.67 -0.92
CA VAL B 295 -6.17 20.31 -2.20
C VAL B 295 -5.24 21.49 -1.98
N ALA B 296 -4.09 21.46 -2.67
CA ALA B 296 -3.08 22.49 -2.52
C ALA B 296 -3.09 23.41 -3.74
N PRO B 297 -3.05 24.72 -3.50
CA PRO B 297 -2.99 25.64 -4.62
C PRO B 297 -1.60 25.74 -5.22
N ARG B 298 -1.54 26.39 -6.37
CA ARG B 298 -0.32 26.59 -7.12
C ARG B 298 0.55 27.66 -6.45
N ILE B 299 -0.04 28.83 -6.23
CA ILE B 299 0.69 30.03 -5.83
C ILE B 299 1.00 30.07 -4.32
N PHE B 300 2.06 30.77 -3.95
CA PHE B 300 2.29 31.20 -2.58
C PHE B 300 2.43 32.72 -2.57
N THR B 301 2.36 33.32 -1.39
CA THR B 301 2.54 34.77 -1.32
C THR B 301 3.64 35.22 -0.36
N SER B 302 4.39 36.21 -0.83
CA SER B 302 5.43 36.85 -0.05
C SER B 302 4.96 38.22 0.40
N SER B 303 4.57 38.30 1.66
CA SER B 303 4.23 39.56 2.30
C SER B 303 5.52 40.31 2.58
N ILE B 304 5.63 41.53 2.07
CA ILE B 304 6.88 42.30 2.17
C ILE B 304 7.06 42.81 3.60
N VAL B 305 8.21 42.49 4.18
CA VAL B 305 8.51 42.81 5.55
C VAL B 305 9.97 43.20 5.70
N LYS B 306 10.33 43.63 6.91
CA LYS B 306 11.71 43.97 7.27
C LYS B 306 12.71 42.91 6.79
N ASP B 307 12.41 41.64 7.07
CA ASP B 307 13.34 40.57 6.69
C ASP B 307 13.45 40.35 5.18
N SER B 308 12.46 40.79 4.41
CA SER B 308 12.58 40.74 2.94
C SER B 308 13.79 41.55 2.47
N PHE B 309 14.07 42.64 3.17
CA PHE B 309 15.21 43.50 2.88
C PHE B 309 16.50 42.97 3.51
N LEU B 310 16.41 42.50 4.76
CA LEU B 310 17.58 41.97 5.48
C LEU B 310 18.14 40.68 4.87
N LEU B 311 17.27 39.83 4.33
CA LEU B 311 17.67 38.52 3.79
C LEU B 311 17.50 38.41 2.26
N GLY B 312 17.06 39.49 1.62
CA GLY B 312 16.72 39.50 0.20
C GLY B 312 17.68 38.88 -0.79
N PRO B 313 18.98 39.20 -0.70
CA PRO B 313 19.91 38.75 -1.75
C PRO B 313 19.93 37.23 -1.97
N LYS B 314 19.76 36.47 -0.89
CA LYS B 314 19.73 35.01 -0.98
C LYS B 314 18.39 34.44 -1.45
N PHE B 315 17.33 35.23 -1.36
CA PHE B 315 15.96 34.72 -1.50
C PHE B 315 15.22 35.27 -2.72
N MET B 316 15.96 35.67 -3.76
CA MET B 316 15.32 36.35 -4.90
C MET B 316 14.28 35.47 -5.61
N HIS B 317 14.45 34.16 -5.54
CA HIS B 317 13.46 33.21 -6.06
C HIS B 317 12.09 33.27 -5.34
N LEU B 318 12.06 33.83 -4.13
CA LEU B 318 10.80 34.04 -3.39
C LEU B 318 10.30 35.49 -3.45
N LEU B 319 11.06 36.35 -4.12
CA LEU B 319 10.80 37.80 -4.09
C LEU B 319 10.80 38.44 -5.49
N GLY B 320 10.38 37.68 -6.50
CA GLY B 320 10.19 38.24 -7.85
C GLY B 320 11.12 37.67 -8.90
N GLY B 321 12.33 37.30 -8.48
CA GLY B 321 13.23 36.52 -9.33
C GLY B 321 12.71 35.10 -9.46
N GLY B 322 13.27 34.35 -10.40
CA GLY B 322 12.90 32.96 -10.61
C GLY B 322 11.57 32.77 -11.31
N GLU B 323 11.18 31.50 -11.45
CA GLU B 323 10.01 31.13 -12.26
C GLU B 323 8.82 30.66 -11.42
N LEU B 324 8.96 30.67 -10.09
CA LEU B 324 7.92 30.17 -9.21
C LEU B 324 6.70 31.09 -9.21
N PRO B 325 5.48 30.50 -9.22
CA PRO B 325 4.28 31.32 -9.25
C PRO B 325 4.05 31.99 -7.89
N LEU B 326 4.07 33.32 -7.87
CA LEU B 326 4.11 34.09 -6.63
C LEU B 326 3.22 35.33 -6.72
N GLU B 327 2.72 35.77 -5.58
CA GLU B 327 2.06 37.05 -5.46
C GLU B 327 2.71 37.84 -4.32
N PHE B 328 3.11 39.07 -4.59
CA PHE B 328 3.53 39.98 -3.54
C PHE B 328 2.31 40.44 -2.77
N SER B 329 2.50 40.67 -1.48
CA SER B 329 1.52 41.38 -0.69
C SER B 329 2.25 42.42 0.16
N ILE B 330 1.60 43.56 0.37
CA ILE B 330 2.12 44.58 1.28
C ILE B 330 0.98 45.19 2.08
N GLY B 331 1.21 45.38 3.38
CA GLY B 331 0.17 45.91 4.24
C GLY B 331 0.66 46.12 5.64
N GLU B 332 -0.17 45.72 6.60
CA GLU B 332 0.12 45.92 8.02
C GLU B 332 1.35 45.14 8.47
N ASP B 333 1.63 44.00 7.83
CA ASP B 333 2.81 43.19 8.16
C ASP B 333 4.10 44.02 8.13
N LEU B 334 4.24 44.86 7.10
CA LEU B 334 5.47 45.64 6.91
C LEU B 334 5.78 46.45 8.16
N PHE B 335 4.81 47.26 8.58
CA PHE B 335 4.97 48.12 9.76
C PHE B 335 5.11 47.31 11.05
N ASN B 336 4.31 46.25 11.19
CA ASN B 336 4.42 45.40 12.37
C ASN B 336 5.75 44.67 12.46
N SER B 337 6.33 44.33 11.31
CA SER B 337 7.60 43.62 11.27
C SER B 337 8.74 44.46 11.84
N PHE B 338 8.64 45.78 11.68
CA PHE B 338 9.62 46.70 12.29
C PHE B 338 9.38 46.94 13.78
N LYS B 339 8.14 46.78 14.25
CA LYS B 339 7.85 46.92 15.68
C LYS B 339 8.11 45.65 16.50
N MET B 340 8.26 44.51 15.83
CA MET B 340 8.54 43.22 16.48
C MET B 340 9.90 43.28 17.18
N PRO B 341 9.92 43.15 18.51
CA PRO B 341 11.20 43.12 19.23
C PRO B 341 12.09 41.96 18.79
N THR B 342 13.38 42.22 18.61
CA THR B 342 14.36 41.18 18.32
C THR B 342 15.19 40.84 19.56
N SER B 343 14.91 41.54 20.66
CA SER B 343 15.63 41.36 21.91
C SER B 343 14.68 41.55 23.09
N TRP B 344 14.86 40.75 24.14
CA TRP B 344 14.04 40.85 25.36
C TRP B 344 14.73 40.19 26.55
N LYS B 345 14.56 40.76 27.73
CA LYS B 345 15.04 40.13 28.96
C LYS B 345 14.15 38.95 29.33
N LEU B 346 14.73 37.96 30.02
CA LEU B 346 14.02 36.71 30.30
C LEU B 346 12.97 36.82 31.41
N ASP B 347 12.96 37.94 32.12
CA ASP B 347 11.91 38.21 33.10
C ASP B 347 10.89 39.22 32.58
N GLU B 348 10.92 39.49 31.28
CA GLU B 348 9.91 40.31 30.63
C GLU B 348 9.17 39.48 29.58
N LYS B 349 7.98 39.96 29.19
CA LYS B 349 7.14 39.29 28.22
C LYS B 349 7.79 39.23 26.83
N SER B 350 7.77 38.05 26.22
CA SER B 350 8.37 37.81 24.91
C SER B 350 7.31 37.88 23.80
N PRO B 351 7.73 38.02 22.54
CA PRO B 351 6.76 37.97 21.42
C PRO B 351 6.00 36.63 21.31
N PHE B 352 6.59 35.57 21.85
CA PHE B 352 5.99 34.24 21.84
C PHE B 352 4.70 34.21 22.65
N GLU B 353 4.58 35.10 23.63
CA GLU B 353 3.40 35.15 24.49
C GLU B 353 2.22 35.89 23.88
N GLN B 354 2.46 36.68 22.85
CA GLN B 354 1.40 37.36 22.10
C GLN B 354 0.89 36.53 20.91
N TYR B 355 1.80 35.83 20.22
CA TYR B 355 1.45 35.04 19.04
C TYR B 355 1.67 33.56 19.34
N ARG B 356 0.77 32.97 20.12
CA ARG B 356 0.91 31.60 20.58
C ARG B 356 0.63 30.56 19.48
N ILE B 357 -0.30 30.90 18.59
CA ILE B 357 -0.71 30.04 17.48
C ILE B 357 -0.84 30.90 16.24
N ALA B 358 0.28 31.16 15.59
CA ALA B 358 0.32 32.10 14.46
C ALA B 358 -0.03 31.42 13.14
N THR B 359 -0.64 32.20 12.24
CA THR B 359 -0.87 31.77 10.88
C THR B 359 -0.98 32.99 9.95
N ALA B 360 -1.27 32.73 8.68
CA ALA B 360 -1.57 33.80 7.73
C ALA B 360 -3.02 33.69 7.30
N THR B 361 -3.62 34.82 6.95
CA THR B 361 -4.98 34.83 6.40
C THR B 361 -5.01 34.08 5.08
N GLN B 362 -6.02 33.23 4.89
CA GLN B 362 -6.16 32.43 3.66
C GLN B 362 -6.40 33.32 2.44
N ASN B 363 -5.92 32.90 1.27
CA ASN B 363 -6.29 33.53 0.01
C ASN B 363 -7.45 32.78 -0.65
N THR B 364 -8.67 33.26 -0.40
CA THR B 364 -9.89 32.62 -0.92
C THR B 364 -9.91 32.50 -2.45
N GLU B 365 -9.34 33.48 -3.14
CA GLU B 365 -9.30 33.45 -4.60
C GLU B 365 -8.42 32.33 -5.14
N HIS B 366 -7.25 32.13 -4.54
CA HIS B 366 -6.40 31.00 -4.90
C HIS B 366 -7.13 29.66 -4.70
N LEU B 367 -7.85 29.54 -3.59
CA LEU B 367 -8.50 28.28 -3.23
C LEU B 367 -9.68 27.98 -4.15
N ASP B 368 -10.43 29.01 -4.51
CA ASP B 368 -11.52 28.88 -5.49
C ASP B 368 -10.96 28.51 -6.85
N ALA B 369 -9.83 29.11 -7.21
CA ALA B 369 -9.23 28.88 -8.52
C ALA B 369 -8.76 27.43 -8.69
N VAL B 370 -7.97 26.91 -7.75
CA VAL B 370 -7.49 25.53 -7.86
C VAL B 370 -8.63 24.51 -7.86
N PHE B 371 -9.68 24.77 -7.06
CA PHE B 371 -10.82 23.86 -6.97
C PHE B 371 -11.60 23.85 -8.29
N GLN B 372 -11.73 25.02 -8.92
CA GLN B 372 -12.36 25.14 -10.25
C GLN B 372 -11.59 24.36 -11.29
N ARG B 373 -10.27 24.54 -11.32
CA ARG B 373 -9.42 23.80 -12.25
C ARG B 373 -9.59 22.30 -12.02
N MET B 374 -9.62 21.90 -10.75
CA MET B 374 -9.86 20.51 -10.36
C MET B 374 -11.17 19.95 -10.94
N LYS B 375 -12.27 20.68 -10.77
CA LYS B 375 -13.58 20.30 -11.35
C LYS B 375 -13.55 20.18 -12.88
N THR B 376 -12.82 21.09 -13.52
CA THR B 376 -12.71 21.09 -14.98
C THR B 376 -11.94 19.85 -15.45
N GLU B 377 -10.84 19.54 -14.78
CA GLU B 377 -10.04 18.36 -15.14
C GLU B 377 -10.76 17.06 -14.77
N PHE B 378 -11.40 17.04 -13.60
CA PHE B 378 -12.06 15.85 -13.07
C PHE B 378 -13.52 16.15 -12.74
N PRO B 379 -14.42 16.09 -13.75
CA PRO B 379 -15.82 16.50 -13.59
C PRO B 379 -16.62 15.86 -12.45
N VAL B 380 -16.19 14.72 -11.93
CA VAL B 380 -16.85 14.13 -10.76
C VAL B 380 -16.87 15.11 -9.58
N PHE B 381 -15.84 15.96 -9.50
CA PHE B 381 -15.74 16.94 -8.42
C PHE B 381 -16.74 18.11 -8.52
N GLU B 382 -17.53 18.19 -9.59
CA GLU B 382 -18.67 19.13 -9.63
C GLU B 382 -19.66 18.84 -8.48
N LYS B 383 -19.72 17.61 -8.01
CA LYS B 383 -20.58 17.24 -6.89
C LYS B 383 -19.89 17.28 -5.52
N SER B 384 -18.59 17.58 -5.52
CA SER B 384 -17.83 17.75 -4.27
C SER B 384 -18.11 19.13 -3.67
N GLN B 385 -17.98 19.23 -2.35
CA GLN B 385 -18.16 20.52 -1.67
C GLN B 385 -17.00 20.84 -0.73
N ILE B 386 -16.67 22.12 -0.61
CA ILE B 386 -15.63 22.58 0.31
C ILE B 386 -15.97 22.15 1.73
N VAL B 387 -15.00 21.53 2.40
CA VAL B 387 -15.17 21.08 3.79
C VAL B 387 -14.50 22.05 4.77
N GLU B 388 -13.33 22.58 4.40
CA GLU B 388 -12.53 23.38 5.32
C GLU B 388 -11.46 24.14 4.56
N ARG B 389 -11.15 25.34 5.04
CA ARG B 389 -10.11 26.19 4.44
C ARG B 389 -9.30 26.83 5.54
N TRP B 390 -8.03 27.07 5.26
CA TRP B 390 -7.17 27.72 6.24
C TRP B 390 -5.93 28.26 5.57
N GLY B 391 -5.22 29.08 6.33
CA GLY B 391 -3.93 29.63 5.90
C GLY B 391 -2.81 29.11 6.79
N ALA B 392 -1.58 29.36 6.37
CA ALA B 392 -0.41 28.89 7.09
C ALA B 392 0.83 29.68 6.69
N VAL B 393 1.88 29.54 7.50
CA VAL B 393 3.17 30.19 7.27
C VAL B 393 4.28 29.15 7.34
N VAL B 394 5.18 29.16 6.34
CA VAL B 394 6.43 28.40 6.41
C VAL B 394 7.58 29.39 6.43
N SER B 395 8.77 28.89 6.76
CA SER B 395 9.98 29.72 6.81
CA SER B 395 9.97 29.72 6.82
C SER B 395 11.21 28.92 6.38
N PRO B 396 11.39 28.75 5.05
CA PRO B 396 12.56 28.01 4.58
C PRO B 396 13.87 28.79 4.65
N THR B 397 14.97 28.05 4.59
CA THR B 397 16.27 28.60 4.28
C THR B 397 16.28 28.92 2.78
N PHE B 398 17.37 29.49 2.30
CA PHE B 398 17.50 29.84 0.88
C PHE B 398 18.10 28.74 -0.01
N ASP B 399 18.62 27.68 0.60
CA ASP B 399 19.40 26.68 -0.14
C ASP B 399 18.76 25.30 -0.22
N GLU B 400 17.46 25.23 0.08
CA GLU B 400 16.70 23.98 0.04
C GLU B 400 17.28 22.90 0.96
N LEU B 401 17.89 23.32 2.06
CA LEU B 401 18.38 22.37 3.06
C LEU B 401 17.85 22.81 4.42
N PRO B 402 17.48 21.84 5.27
CA PRO B 402 17.06 22.16 6.62
C PRO B 402 18.21 22.61 7.50
N ILE B 403 17.89 23.07 8.70
CA ILE B 403 18.91 23.35 9.69
C ILE B 403 18.75 22.33 10.80
N ILE B 404 19.64 21.33 10.79
CA ILE B 404 19.72 20.28 11.79
C ILE B 404 21.17 20.26 12.26
N SER B 405 21.44 20.92 13.37
CA SER B 405 22.80 21.35 13.68
C SER B 405 23.03 21.68 15.15
N GLU B 406 24.22 21.36 15.62
CA GLU B 406 24.76 21.96 16.84
C GLU B 406 24.93 23.46 16.61
N VAL B 407 24.90 24.21 17.70
CA VAL B 407 25.21 25.64 17.69
C VAL B 407 26.54 25.78 18.42
N LYS B 408 27.60 26.07 17.66
CA LYS B 408 28.96 26.09 18.20
C LYS B 408 29.13 27.12 19.31
N GLU B 409 28.42 28.23 19.20
CA GLU B 409 28.46 29.28 20.22
C GLU B 409 27.89 28.83 21.56
N TYR B 410 26.98 27.86 21.53
CA TYR B 410 26.27 27.43 22.73
C TYR B 410 26.27 25.91 22.84
N PRO B 411 27.40 25.34 23.28
CA PRO B 411 27.45 23.89 23.47
C PRO B 411 26.27 23.41 24.30
N GLY B 412 25.61 22.35 23.82
CA GLY B 412 24.41 21.83 24.46
C GLY B 412 23.14 22.16 23.69
N LEU B 413 23.20 23.18 22.84
CA LEU B 413 22.05 23.61 22.04
C LEU B 413 22.10 22.98 20.66
N VAL B 414 20.99 22.39 20.27
CA VAL B 414 20.84 21.78 18.95
C VAL B 414 19.58 22.36 18.28
N ILE B 415 19.70 22.71 17.01
CA ILE B 415 18.56 23.24 16.28
C ILE B 415 18.04 22.22 15.27
N ASN B 416 16.71 22.07 15.22
CA ASN B 416 16.02 21.24 14.22
C ASN B 416 14.83 22.04 13.65
N THR B 417 15.07 22.76 12.55
CA THR B 417 14.09 23.70 12.04
C THR B 417 14.33 24.04 10.56
N ALA B 418 13.55 25.01 10.06
CA ALA B 418 13.73 25.57 8.71
C ALA B 418 13.58 24.57 7.55
N THR B 419 12.54 23.73 7.61
CA THR B 419 12.22 22.84 6.50
C THR B 419 10.78 23.05 6.01
N VAL B 420 10.58 22.86 4.70
CA VAL B 420 9.25 22.84 4.09
C VAL B 420 8.86 21.40 3.71
N TRP B 421 9.61 20.43 4.24
CA TRP B 421 9.28 19.01 4.09
C TRP B 421 9.33 18.25 5.43
N GLY B 422 8.98 18.95 6.52
CA GLY B 422 9.05 18.38 7.86
C GLY B 422 8.08 17.26 8.22
N MET B 423 6.93 17.18 7.56
CA MET B 423 6.03 16.05 7.76
C MET B 423 6.71 14.76 7.25
N THR B 424 7.42 14.86 6.13
CA THR B 424 8.17 13.73 5.57
C THR B 424 9.45 13.46 6.36
N GLU B 425 10.20 14.52 6.64
CA GLU B 425 11.52 14.40 7.25
C GLU B 425 11.46 14.13 8.74
N GLY B 426 10.39 14.57 9.37
CA GLY B 426 10.24 14.57 10.83
C GLY B 426 10.76 13.36 11.59
N PRO B 427 10.28 12.16 11.25
CA PRO B 427 10.76 11.00 11.99
C PRO B 427 12.26 10.77 11.83
N ALA B 428 12.77 11.02 10.63
CA ALA B 428 14.20 10.91 10.37
C ALA B 428 14.99 12.02 11.06
N ALA B 429 14.54 13.26 10.91
CA ALA B 429 15.22 14.42 11.51
C ALA B 429 15.24 14.31 13.04
N GLY B 430 14.14 13.80 13.61
CA GLY B 430 14.05 13.57 15.03
C GLY B 430 15.13 12.64 15.53
N GLU B 431 15.34 11.53 14.81
CA GLU B 431 16.40 10.58 15.17
C GLU B 431 17.78 11.20 15.02
N VAL B 432 18.02 11.88 13.90
CA VAL B 432 19.29 12.59 13.71
C VAL B 432 19.54 13.60 14.83
N THR B 433 18.52 14.37 15.19
CA THR B 433 18.66 15.38 16.25
C THR B 433 19.02 14.69 17.59
N ALA B 434 18.33 13.61 17.91
CA ALA B 434 18.62 12.84 19.11
C ALA B 434 20.07 12.34 19.12
N ASP B 435 20.54 11.88 17.96
CA ASP B 435 21.93 11.43 17.84
C ASP B 435 22.92 12.56 18.16
N ILE B 436 22.65 13.75 17.63
CA ILE B 436 23.47 14.92 17.89
C ILE B 436 23.46 15.27 19.38
N VAL B 437 22.28 15.22 20.00
CA VAL B 437 22.16 15.50 21.44
C VAL B 437 22.99 14.52 22.29
N THR B 438 22.94 13.24 21.96
CA THR B 438 23.59 12.21 22.79
C THR B 438 25.03 11.84 22.39
N GLY B 439 25.47 12.32 21.23
CA GLY B 439 26.81 12.03 20.73
C GLY B 439 26.92 10.80 19.85
N LYS B 440 25.82 10.06 19.73
CA LYS B 440 25.76 8.91 18.83
C LYS B 440 26.07 9.34 17.39
N LYS B 441 26.79 8.49 16.67
CA LYS B 441 27.13 8.79 15.28
C LYS B 441 25.83 8.78 14.48
N PRO B 442 25.48 9.91 13.85
CA PRO B 442 24.14 10.07 13.27
C PRO B 442 23.76 9.01 12.22
N VAL B 443 22.49 8.63 12.23
CA VAL B 443 21.94 7.67 11.27
C VAL B 443 22.06 8.17 9.83
N ILE B 444 21.96 9.49 9.67
CA ILE B 444 22.20 10.16 8.40
C ILE B 444 23.15 11.31 8.64
N ASP B 445 24.09 11.53 7.71
CA ASP B 445 25.09 12.59 7.83
C ASP B 445 24.45 13.97 7.87
N PRO B 446 24.60 14.68 9.00
CA PRO B 446 23.99 16.01 9.11
C PRO B 446 24.89 17.15 8.66
N THR B 447 26.09 16.85 8.14
CA THR B 447 27.03 17.87 7.69
C THR B 447 26.40 18.87 6.68
N PRO B 448 25.65 18.39 5.68
CA PRO B 448 25.01 19.34 4.77
C PRO B 448 23.98 20.29 5.44
N PHE B 449 23.43 19.89 6.60
CA PHE B 449 22.43 20.67 7.32
C PHE B 449 23.01 21.52 8.43
N SER B 450 24.34 21.63 8.48
CA SER B 450 25.04 22.36 9.52
C SER B 450 24.82 23.86 9.40
N LEU B 451 24.87 24.54 10.53
CA LEU B 451 24.88 26.00 10.53
C LEU B 451 26.19 26.55 9.94
N ASP B 452 27.27 25.75 10.00
CA ASP B 452 28.56 26.13 9.44
C ASP B 452 28.49 26.60 7.98
N ARG B 453 27.55 26.05 7.21
CA ARG B 453 27.44 26.42 5.80
C ARG B 453 27.16 27.90 5.57
N PHE B 454 26.65 28.61 6.58
CA PHE B 454 26.33 30.03 6.44
C PHE B 454 27.46 30.98 6.83
N LYS B 455 28.55 30.44 7.38
CA LYS B 455 29.60 31.26 8.00
C LYS B 455 30.50 31.92 6.94
N LYS B 456 31.55 32.59 7.42
CA LYS B 456 32.62 33.12 6.57
C LYS B 456 32.14 34.32 5.76
#